data_2EL5
#
_entry.id   2EL5
#
loop_
_entity.id
_entity.type
_entity.pdbx_description
1 polymer 'Zinc finger protein 268'
2 non-polymer 'ZINC ION'
#
_entity_poly.entity_id   1
_entity_poly.type   'polypeptide(L)'
_entity_poly.pdbx_seq_one_letter_code
;GSSGSSGENPYECSECGKAFNRKDQLISHQRTHAGESGPSSG
;
_entity_poly.pdbx_strand_id   A
#
loop_
_chem_comp.id
_chem_comp.type
_chem_comp.name
_chem_comp.formula
ZN non-polymer 'ZINC ION' 'Zn 2'
#
# COMPACT_ATOMS: atom_id res chain seq x y z
N GLY A 1 -3.64 -4.04 -25.42
CA GLY A 1 -2.66 -4.20 -24.36
C GLY A 1 -1.65 -5.29 -24.68
N SER A 2 -0.76 -5.01 -25.61
CA SER A 2 0.27 -5.97 -25.99
C SER A 2 1.35 -6.08 -24.93
N SER A 3 2.02 -7.23 -24.89
CA SER A 3 3.07 -7.47 -23.90
C SER A 3 2.52 -7.36 -22.48
N GLY A 4 1.34 -7.93 -22.27
CA GLY A 4 0.73 -7.88 -20.95
C GLY A 4 -0.21 -6.71 -20.79
N SER A 5 -0.47 -6.31 -19.55
CA SER A 5 -1.36 -5.20 -19.26
C SER A 5 -0.56 -3.93 -18.96
N SER A 6 -1.18 -2.78 -19.21
CA SER A 6 -0.53 -1.49 -18.97
C SER A 6 -0.15 -1.35 -17.50
N GLY A 7 1.05 -0.84 -17.25
CA GLY A 7 1.51 -0.65 -15.89
C GLY A 7 1.79 -1.97 -15.19
N GLU A 8 2.81 -1.98 -14.34
CA GLU A 8 3.18 -3.19 -13.61
C GLU A 8 3.29 -2.90 -12.12
N ASN A 9 2.19 -3.11 -11.39
CA ASN A 9 2.17 -2.88 -9.95
C ASN A 9 1.99 -4.18 -9.19
N PRO A 10 3.10 -4.93 -9.03
CA PRO A 10 3.10 -6.21 -8.31
C PRO A 10 2.87 -6.04 -6.81
N TYR A 11 2.74 -4.79 -6.38
CA TYR A 11 2.53 -4.49 -4.96
C TYR A 11 1.43 -3.44 -4.79
N GLU A 12 0.37 -3.81 -4.09
CA GLU A 12 -0.76 -2.90 -3.86
C GLU A 12 -1.25 -3.02 -2.42
N CYS A 13 -1.50 -1.87 -1.79
CA CYS A 13 -1.98 -1.85 -0.42
C CYS A 13 -3.42 -2.35 -0.34
N SER A 14 -3.84 -2.76 0.86
CA SER A 14 -5.19 -3.26 1.06
C SER A 14 -6.01 -2.29 1.90
N GLU A 15 -5.33 -1.48 2.70
CA GLU A 15 -6.00 -0.50 3.55
C GLU A 15 -6.57 0.65 2.72
N CYS A 16 -5.69 1.34 1.99
CA CYS A 16 -6.11 2.45 1.15
C CYS A 16 -6.33 2.00 -0.29
N GLY A 17 -5.40 1.19 -0.80
CA GLY A 17 -5.51 0.70 -2.15
C GLY A 17 -4.46 1.29 -3.07
N LYS A 18 -3.34 1.71 -2.49
CA LYS A 18 -2.26 2.31 -3.26
C LYS A 18 -1.47 1.24 -4.01
N ALA A 19 -0.61 1.66 -4.93
CA ALA A 19 0.21 0.74 -5.70
C ALA A 19 1.63 1.26 -5.86
N PHE A 20 2.60 0.43 -5.53
CA PHE A 20 4.01 0.81 -5.64
C PHE A 20 4.73 -0.06 -6.66
N ASN A 21 5.92 0.37 -7.06
CA ASN A 21 6.71 -0.37 -8.03
C ASN A 21 7.60 -1.40 -7.35
N ARG A 22 8.11 -1.04 -6.16
CA ARG A 22 8.97 -1.93 -5.41
C ARG A 22 8.26 -2.43 -4.14
N LYS A 23 8.68 -3.59 -3.67
CA LYS A 23 8.09 -4.18 -2.46
C LYS A 23 8.38 -3.32 -1.24
N ASP A 24 9.66 -3.07 -0.98
CA ASP A 24 10.07 -2.25 0.15
C ASP A 24 9.22 -0.99 0.26
N GLN A 25 8.99 -0.34 -0.88
CA GLN A 25 8.20 0.88 -0.92
C GLN A 25 6.85 0.67 -0.26
N LEU A 26 6.16 -0.39 -0.65
CA LEU A 26 4.85 -0.71 -0.09
C LEU A 26 4.96 -1.00 1.40
N ILE A 27 5.95 -1.81 1.77
CA ILE A 27 6.15 -2.16 3.17
C ILE A 27 6.30 -0.92 4.04
N SER A 28 7.23 -0.04 3.67
CA SER A 28 7.47 1.18 4.42
C SER A 28 6.21 2.04 4.48
N HIS A 29 5.38 1.93 3.44
CA HIS A 29 4.15 2.70 3.37
C HIS A 29 3.11 2.14 4.34
N GLN A 30 2.94 0.82 4.32
CA GLN A 30 1.98 0.16 5.20
C GLN A 30 2.09 0.69 6.63
N ARG A 31 3.30 1.07 7.02
CA ARG A 31 3.53 1.59 8.35
C ARG A 31 2.50 2.66 8.71
N THR A 32 2.11 3.45 7.73
CA THR A 32 1.13 4.51 7.94
C THR A 32 -0.16 3.96 8.54
N HIS A 33 -0.56 2.77 8.08
CA HIS A 33 -1.77 2.13 8.58
C HIS A 33 -1.48 1.34 9.85
N ALA A 34 -0.47 1.77 10.59
CA ALA A 34 -0.09 1.10 11.83
C ALA A 34 0.52 2.09 12.82
N GLY A 35 0.07 2.01 14.07
CA GLY A 35 0.58 2.91 15.09
C GLY A 35 0.16 2.49 16.49
N GLU A 36 0.69 1.36 16.96
CA GLU A 36 0.36 0.86 18.29
C GLU A 36 1.59 0.87 19.19
N SER A 37 1.84 2.01 19.81
CA SER A 37 3.00 2.15 20.70
C SER A 37 2.54 2.42 22.14
N GLY A 38 1.87 3.55 22.33
CA GLY A 38 1.39 3.92 23.65
C GLY A 38 0.47 2.85 24.25
N PRO A 39 0.54 2.69 25.58
CA PRO A 39 -0.27 1.72 26.31
C PRO A 39 -1.75 2.08 26.32
N SER A 40 -2.50 1.53 25.36
CA SER A 40 -3.93 1.81 25.28
C SER A 40 -4.71 1.00 26.30
N SER A 41 -5.15 1.68 27.36
CA SER A 41 -5.91 1.02 28.42
C SER A 41 -7.41 1.16 28.18
N GLY A 42 -7.88 2.40 28.06
CA GLY A 42 -9.28 2.64 27.82
C GLY A 42 -10.10 2.59 29.10
ZN ZN B . -1.95 1.99 2.19
N GLY A 1 -14.74 6.57 -14.68
CA GLY A 1 -13.71 7.59 -14.56
C GLY A 1 -12.32 7.02 -14.81
N SER A 2 -11.31 7.84 -14.58
CA SER A 2 -9.92 7.43 -14.79
C SER A 2 -9.59 6.21 -13.93
N SER A 3 -8.37 5.70 -14.09
CA SER A 3 -7.93 4.54 -13.33
C SER A 3 -6.47 4.67 -12.92
N GLY A 4 -6.25 4.89 -11.62
CA GLY A 4 -4.90 5.04 -11.12
C GLY A 4 -4.07 3.77 -11.28
N SER A 5 -3.28 3.72 -12.35
CA SER A 5 -2.45 2.57 -12.62
C SER A 5 -1.13 2.99 -13.27
N SER A 6 -0.02 2.80 -12.54
CA SER A 6 1.29 3.16 -13.05
C SER A 6 2.08 1.91 -13.43
N GLY A 7 1.94 1.49 -14.68
CA GLY A 7 2.65 0.31 -15.16
C GLY A 7 2.45 -0.89 -14.25
N GLU A 8 3.31 -1.89 -14.41
CA GLU A 8 3.23 -3.10 -13.60
C GLU A 8 3.35 -2.77 -12.12
N ASN A 9 2.37 -3.21 -11.34
CA ASN A 9 2.38 -2.96 -9.89
C ASN A 9 2.14 -4.24 -9.12
N PRO A 10 3.22 -5.04 -8.96
CA PRO A 10 3.16 -6.31 -8.23
C PRO A 10 2.94 -6.12 -6.74
N TYR A 11 2.81 -4.86 -6.32
CA TYR A 11 2.60 -4.54 -4.91
C TYR A 11 1.54 -3.45 -4.76
N GLU A 12 0.46 -3.77 -4.05
CA GLU A 12 -0.62 -2.82 -3.83
C GLU A 12 -1.17 -2.94 -2.41
N CYS A 13 -1.49 -1.80 -1.80
CA CYS A 13 -2.03 -1.79 -0.46
C CYS A 13 -3.47 -2.29 -0.44
N SER A 14 -3.94 -2.69 0.75
CA SER A 14 -5.30 -3.18 0.90
C SER A 14 -6.16 -2.18 1.64
N GLU A 15 -5.53 -1.39 2.51
CA GLU A 15 -6.25 -0.37 3.28
C GLU A 15 -6.73 0.76 2.39
N CYS A 16 -5.78 1.42 1.72
CA CYS A 16 -6.10 2.54 0.84
C CYS A 16 -6.18 2.07 -0.60
N GLY A 17 -5.25 1.21 -1.00
CA GLY A 17 -5.23 0.70 -2.36
C GLY A 17 -4.17 1.35 -3.21
N LYS A 18 -3.10 1.81 -2.58
CA LYS A 18 -2.00 2.47 -3.28
C LYS A 18 -1.06 1.43 -3.88
N ALA A 19 -0.90 1.47 -5.20
CA ALA A 19 -0.02 0.53 -5.89
C ALA A 19 1.39 1.10 -6.01
N PHE A 20 2.36 0.30 -5.59
CA PHE A 20 3.76 0.72 -5.63
C PHE A 20 4.54 -0.09 -6.67
N ASN A 21 5.75 0.36 -6.98
CA ASN A 21 6.58 -0.32 -7.97
C ASN A 21 7.38 -1.45 -7.31
N ARG A 22 7.99 -1.15 -6.17
CA ARG A 22 8.78 -2.14 -5.45
C ARG A 22 8.06 -2.59 -4.19
N LYS A 23 8.51 -3.70 -3.61
CA LYS A 23 7.91 -4.24 -2.40
C LYS A 23 8.24 -3.36 -1.19
N ASP A 24 9.51 -3.03 -1.03
CA ASP A 24 9.95 -2.19 0.08
C ASP A 24 9.11 -0.90 0.15
N GLN A 25 8.88 -0.28 -1.00
CA GLN A 25 8.10 0.95 -1.06
C GLN A 25 6.74 0.76 -0.40
N LEU A 26 6.09 -0.37 -0.69
CA LEU A 26 4.79 -0.66 -0.12
C LEU A 26 4.90 -0.98 1.37
N ILE A 27 5.91 -1.75 1.73
CA ILE A 27 6.13 -2.12 3.12
C ILE A 27 6.25 -0.88 4.01
N SER A 28 7.16 0.01 3.65
CA SER A 28 7.38 1.23 4.41
C SER A 28 6.08 2.04 4.52
N HIS A 29 5.29 2.02 3.46
CA HIS A 29 4.03 2.76 3.43
C HIS A 29 3.06 2.18 4.45
N GLN A 30 2.92 0.86 4.47
CA GLN A 30 2.02 0.19 5.40
C GLN A 30 2.20 0.73 6.82
N ARG A 31 3.45 1.01 7.19
CA ARG A 31 3.76 1.53 8.51
C ARG A 31 2.70 2.52 8.96
N THR A 32 2.21 3.33 8.03
CA THR A 32 1.20 4.34 8.33
C THR A 32 -0.08 3.68 8.81
N HIS A 33 -0.60 2.74 8.03
CA HIS A 33 -1.83 2.03 8.37
C HIS A 33 -1.66 1.27 9.68
N ALA A 34 -0.55 0.56 9.82
CA ALA A 34 -0.27 -0.21 11.02
C ALA A 34 -0.82 0.49 12.26
N GLY A 35 -0.46 1.77 12.42
CA GLY A 35 -0.92 2.53 13.57
C GLY A 35 0.22 3.10 14.38
N GLU A 36 -0.04 4.20 15.08
CA GLU A 36 0.98 4.85 15.90
C GLU A 36 0.63 4.75 17.38
N SER A 37 1.66 4.66 18.22
CA SER A 37 1.47 4.55 19.65
C SER A 37 1.34 5.93 20.30
N GLY A 38 0.19 6.17 20.92
CA GLY A 38 -0.05 7.45 21.57
C GLY A 38 -1.51 7.68 21.88
N PRO A 39 -1.80 8.74 22.66
CA PRO A 39 -3.18 9.09 23.04
C PRO A 39 -3.99 9.60 21.86
N SER A 40 -4.73 8.70 21.23
CA SER A 40 -5.56 9.06 20.08
C SER A 40 -7.02 8.63 20.31
N SER A 41 -7.94 9.43 19.77
CA SER A 41 -9.37 9.13 19.91
C SER A 41 -9.66 7.68 19.54
N GLY A 42 -9.33 7.32 18.30
CA GLY A 42 -9.56 5.96 17.84
C GLY A 42 -9.29 5.80 16.36
ZN ZN B . -2.21 2.06 2.12
N GLY A 1 -10.05 13.58 -19.06
CA GLY A 1 -8.87 13.60 -18.22
C GLY A 1 -8.74 12.35 -17.37
N SER A 2 -8.01 12.46 -16.28
CA SER A 2 -7.81 11.32 -15.38
C SER A 2 -7.71 10.02 -16.16
N SER A 3 -6.99 10.07 -17.28
CA SER A 3 -6.83 8.90 -18.13
C SER A 3 -5.36 8.71 -18.52
N GLY A 4 -4.73 7.67 -17.97
CA GLY A 4 -3.34 7.40 -18.27
C GLY A 4 -3.01 5.92 -18.17
N SER A 5 -1.71 5.61 -18.20
CA SER A 5 -1.26 4.23 -18.12
C SER A 5 -1.32 3.71 -16.69
N SER A 6 -1.27 2.39 -16.53
CA SER A 6 -1.32 1.77 -15.21
C SER A 6 0.08 1.53 -14.67
N GLY A 7 0.90 0.84 -15.45
CA GLY A 7 2.26 0.56 -15.03
C GLY A 7 2.42 -0.85 -14.51
N GLU A 8 3.51 -1.10 -13.78
CA GLU A 8 3.78 -2.42 -13.22
C GLU A 8 3.98 -2.34 -11.71
N ASN A 9 2.87 -2.38 -10.97
CA ASN A 9 2.94 -2.32 -9.51
C ASN A 9 2.33 -3.57 -8.89
N PRO A 10 3.14 -4.64 -8.84
CA PRO A 10 2.71 -5.93 -8.27
C PRO A 10 2.54 -5.86 -6.75
N TYR A 11 2.78 -4.68 -6.19
CA TYR A 11 2.65 -4.48 -4.75
C TYR A 11 1.67 -3.35 -4.44
N GLU A 12 0.42 -3.72 -4.13
CA GLU A 12 -0.61 -2.75 -3.81
C GLU A 12 -1.08 -2.90 -2.37
N CYS A 13 -1.52 -1.80 -1.77
CA CYS A 13 -2.00 -1.81 -0.39
C CYS A 13 -3.43 -2.33 -0.32
N SER A 14 -3.84 -2.75 0.87
CA SER A 14 -5.18 -3.27 1.08
C SER A 14 -6.05 -2.27 1.82
N GLU A 15 -5.41 -1.45 2.64
CA GLU A 15 -6.12 -0.43 3.42
C GLU A 15 -6.61 0.70 2.51
N CYS A 16 -5.67 1.35 1.82
CA CYS A 16 -6.01 2.44 0.92
C CYS A 16 -6.15 1.94 -0.52
N GLY A 17 -5.21 1.10 -0.94
CA GLY A 17 -5.25 0.57 -2.29
C GLY A 17 -4.22 1.21 -3.19
N LYS A 18 -3.12 1.67 -2.60
CA LYS A 18 -2.05 2.31 -3.36
C LYS A 18 -1.11 1.27 -3.97
N ALA A 19 -0.79 1.44 -5.24
CA ALA A 19 0.10 0.51 -5.94
C ALA A 19 1.52 1.08 -6.03
N PHE A 20 2.50 0.24 -5.71
CA PHE A 20 3.90 0.66 -5.77
C PHE A 20 4.71 -0.24 -6.69
N ASN A 21 5.77 0.30 -7.26
CA ASN A 21 6.63 -0.46 -8.16
C ASN A 21 7.50 -1.44 -7.39
N ARG A 22 8.08 -0.97 -6.29
CA ARG A 22 8.94 -1.80 -5.46
C ARG A 22 8.21 -2.24 -4.19
N LYS A 23 8.41 -3.50 -3.80
CA LYS A 23 7.78 -4.04 -2.61
C LYS A 23 8.14 -3.22 -1.38
N ASP A 24 9.44 -3.04 -1.15
CA ASP A 24 9.91 -2.27 -0.01
C ASP A 24 9.12 -0.98 0.16
N GLN A 25 8.89 -0.29 -0.96
CA GLN A 25 8.13 0.96 -0.95
C GLN A 25 6.76 0.76 -0.29
N LEU A 26 6.11 -0.34 -0.63
CA LEU A 26 4.79 -0.64 -0.08
C LEU A 26 4.89 -1.00 1.40
N ILE A 27 5.94 -1.74 1.76
CA ILE A 27 6.14 -2.14 3.14
C ILE A 27 6.29 -0.93 4.05
N SER A 28 7.18 -0.02 3.69
CA SER A 28 7.43 1.19 4.48
C SER A 28 6.15 2.02 4.58
N HIS A 29 5.36 2.02 3.51
CA HIS A 29 4.12 2.78 3.48
C HIS A 29 3.10 2.20 4.48
N GLN A 30 2.93 0.89 4.44
CA GLN A 30 1.99 0.22 5.34
C GLN A 30 2.12 0.76 6.75
N ARG A 31 3.35 1.03 7.17
CA ARG A 31 3.60 1.54 8.51
C ARG A 31 2.55 2.57 8.91
N THR A 32 2.13 3.39 7.94
CA THR A 32 1.13 4.41 8.20
C THR A 32 -0.16 3.80 8.73
N HIS A 33 -0.67 2.79 8.03
CA HIS A 33 -1.89 2.12 8.44
C HIS A 33 -1.70 1.37 9.76
N ALA A 34 -0.77 0.43 9.76
CA ALA A 34 -0.47 -0.35 10.95
C ALA A 34 -0.58 0.51 12.21
N GLY A 35 -1.64 0.29 12.98
CA GLY A 35 -1.83 1.06 14.19
C GLY A 35 -3.30 1.12 14.60
N GLU A 36 -3.91 2.29 14.40
CA GLU A 36 -5.31 2.48 14.75
C GLU A 36 -6.20 1.50 13.99
N SER A 37 -6.21 1.62 12.67
CA SER A 37 -7.02 0.75 11.83
C SER A 37 -6.72 -0.72 12.12
N GLY A 38 -7.71 -1.44 12.62
CA GLY A 38 -7.53 -2.85 12.93
C GLY A 38 -7.76 -3.16 14.40
N PRO A 39 -7.21 -4.28 14.86
CA PRO A 39 -7.34 -4.71 16.26
C PRO A 39 -6.56 -3.82 17.22
N SER A 40 -7.16 -3.53 18.38
CA SER A 40 -6.53 -2.69 19.37
C SER A 40 -5.55 -3.50 20.23
N SER A 41 -4.78 -4.36 19.59
CA SER A 41 -3.81 -5.19 20.30
C SER A 41 -2.42 -4.58 20.23
N GLY A 42 -1.91 -4.39 19.02
CA GLY A 42 -0.59 -3.81 18.85
C GLY A 42 -0.41 -3.17 17.48
ZN ZN B . -2.06 1.98 2.13
N GLY A 1 -14.26 0.01 -19.66
CA GLY A 1 -13.59 -0.75 -20.71
C GLY A 1 -12.19 -0.24 -20.98
N SER A 2 -11.21 -0.79 -20.27
CA SER A 2 -9.82 -0.39 -20.44
C SER A 2 -9.16 -1.14 -21.59
N SER A 3 -9.28 -2.46 -21.56
CA SER A 3 -8.69 -3.30 -22.60
C SER A 3 -7.18 -3.16 -22.63
N GLY A 4 -6.57 -3.12 -21.45
CA GLY A 4 -5.13 -2.98 -21.37
C GLY A 4 -4.64 -2.89 -19.94
N SER A 5 -3.33 -2.70 -19.77
CA SER A 5 -2.73 -2.59 -18.44
C SER A 5 -1.67 -1.51 -18.41
N SER A 6 -1.89 -0.51 -17.57
CA SER A 6 -0.94 0.61 -17.44
C SER A 6 0.16 0.26 -16.45
N GLY A 7 1.20 -0.41 -16.94
CA GLY A 7 2.31 -0.78 -16.08
C GLY A 7 1.98 -1.97 -15.20
N GLU A 8 2.99 -2.46 -14.47
CA GLU A 8 2.79 -3.61 -13.59
C GLU A 8 2.93 -3.20 -12.12
N ASN A 9 1.97 -3.61 -11.30
CA ASN A 9 1.98 -3.28 -9.89
C ASN A 9 1.93 -4.55 -9.03
N PRO A 10 3.10 -5.21 -8.90
CA PRO A 10 3.22 -6.44 -8.12
C PRO A 10 3.07 -6.19 -6.61
N TYR A 11 2.88 -4.93 -6.24
CA TYR A 11 2.73 -4.56 -4.85
C TYR A 11 1.70 -3.44 -4.69
N GLU A 12 0.68 -3.70 -3.88
CA GLU A 12 -0.38 -2.72 -3.65
C GLU A 12 -0.92 -2.84 -2.22
N CYS A 13 -1.40 -1.72 -1.68
CA CYS A 13 -1.94 -1.70 -0.33
C CYS A 13 -3.37 -2.23 -0.31
N SER A 14 -3.82 -2.65 0.86
CA SER A 14 -5.16 -3.19 1.01
C SER A 14 -6.07 -2.20 1.75
N GLU A 15 -5.46 -1.34 2.57
CA GLU A 15 -6.20 -0.35 3.33
C GLU A 15 -6.70 0.76 2.42
N CYS A 16 -5.78 1.45 1.76
CA CYS A 16 -6.13 2.54 0.85
C CYS A 16 -6.19 2.06 -0.59
N GLY A 17 -5.25 1.19 -0.96
CA GLY A 17 -5.21 0.66 -2.32
C GLY A 17 -4.12 1.30 -3.15
N LYS A 18 -3.10 1.83 -2.49
CA LYS A 18 -1.98 2.47 -3.18
C LYS A 18 -1.04 1.43 -3.77
N ALA A 19 -0.71 1.59 -5.05
CA ALA A 19 0.19 0.67 -5.73
C ALA A 19 1.61 1.21 -5.76
N PHE A 20 2.59 0.33 -5.51
CA PHE A 20 3.98 0.72 -5.51
C PHE A 20 4.80 -0.19 -6.44
N ASN A 21 5.58 0.44 -7.32
CA ASN A 21 6.40 -0.31 -8.27
C ASN A 21 7.27 -1.33 -7.54
N ARG A 22 7.85 -0.91 -6.42
CA ARG A 22 8.71 -1.78 -5.63
C ARG A 22 7.97 -2.30 -4.40
N LYS A 23 8.45 -3.41 -3.85
CA LYS A 23 7.85 -4.01 -2.67
C LYS A 23 8.12 -3.17 -1.43
N ASP A 24 9.40 -2.88 -1.19
CA ASP A 24 9.80 -2.08 -0.04
C ASP A 24 8.94 -0.83 0.08
N GLN A 25 8.74 -0.15 -1.05
CA GLN A 25 7.94 1.07 -1.06
C GLN A 25 6.57 0.83 -0.42
N LEU A 26 5.97 -0.32 -0.71
CA LEU A 26 4.67 -0.66 -0.15
C LEU A 26 4.78 -1.01 1.33
N ILE A 27 5.75 -1.86 1.66
CA ILE A 27 5.96 -2.28 3.04
C ILE A 27 6.16 -1.07 3.95
N SER A 28 7.08 -0.19 3.54
CA SER A 28 7.37 1.01 4.34
C SER A 28 6.14 1.88 4.47
N HIS A 29 5.32 1.93 3.43
CA HIS A 29 4.10 2.73 3.44
C HIS A 29 3.10 2.18 4.45
N GLN A 30 2.88 0.87 4.40
CA GLN A 30 1.94 0.23 5.31
C GLN A 30 2.10 0.77 6.73
N ARG A 31 3.35 0.97 7.14
CA ARG A 31 3.64 1.49 8.48
C ARG A 31 2.61 2.53 8.89
N THR A 32 2.20 3.37 7.94
CA THR A 32 1.22 4.42 8.21
C THR A 32 -0.06 3.83 8.77
N HIS A 33 -0.65 2.88 8.03
CA HIS A 33 -1.88 2.24 8.46
C HIS A 33 -1.69 1.49 9.77
N ALA A 34 -0.76 0.53 9.76
CA ALA A 34 -0.47 -0.26 10.95
C ALA A 34 -0.63 0.57 12.22
N GLY A 35 -1.65 0.26 13.01
CA GLY A 35 -1.90 0.99 14.23
C GLY A 35 -3.23 0.63 14.87
N GLU A 36 -4.30 0.80 14.12
CA GLU A 36 -5.64 0.49 14.62
C GLU A 36 -5.90 -1.01 14.59
N SER A 37 -6.94 -1.44 15.28
CA SER A 37 -7.30 -2.86 15.35
C SER A 37 -7.99 -3.29 14.05
N GLY A 38 -7.57 -4.44 13.53
CA GLY A 38 -8.16 -4.95 12.31
C GLY A 38 -8.72 -6.34 12.47
N PRO A 39 -7.83 -7.35 12.49
CA PRO A 39 -8.24 -8.76 12.64
C PRO A 39 -8.75 -9.07 14.04
N SER A 40 -8.82 -8.04 14.88
CA SER A 40 -9.29 -8.19 16.25
C SER A 40 -10.40 -9.24 16.32
N SER A 41 -10.13 -10.33 17.05
CA SER A 41 -11.11 -11.41 17.19
C SER A 41 -11.68 -11.44 18.60
N GLY A 42 -13.01 -11.40 18.71
CA GLY A 42 -13.65 -11.43 20.01
C GLY A 42 -14.37 -10.13 20.32
ZN ZN B . -2.11 2.17 2.20
N GLY A 1 -7.28 16.73 -19.86
CA GLY A 1 -6.23 16.50 -18.88
C GLY A 1 -5.47 15.22 -19.14
N SER A 2 -4.23 15.17 -18.68
CA SER A 2 -3.38 14.00 -18.87
C SER A 2 -3.08 13.32 -17.53
N SER A 3 -3.09 11.99 -17.53
CA SER A 3 -2.81 11.22 -16.33
C SER A 3 -2.33 9.82 -16.67
N GLY A 4 -1.57 9.22 -15.76
CA GLY A 4 -1.06 7.88 -15.99
C GLY A 4 -0.83 7.13 -14.69
N SER A 5 -1.91 6.68 -14.07
CA SER A 5 -1.83 5.94 -12.82
C SER A 5 -2.03 4.45 -13.05
N SER A 6 -1.41 3.92 -14.10
CA SER A 6 -1.52 2.51 -14.44
C SER A 6 -0.18 1.95 -14.89
N GLY A 7 0.01 0.64 -14.71
CA GLY A 7 1.25 0.00 -15.09
C GLY A 7 1.54 -1.24 -14.28
N GLU A 8 2.80 -1.66 -14.28
CA GLU A 8 3.21 -2.85 -13.54
C GLU A 8 3.30 -2.55 -12.04
N ASN A 9 2.31 -3.04 -11.29
CA ASN A 9 2.28 -2.82 -9.84
C ASN A 9 2.07 -4.13 -9.11
N PRO A 10 3.16 -4.91 -8.98
CA PRO A 10 3.11 -6.21 -8.29
C PRO A 10 2.91 -6.06 -6.78
N TYR A 11 2.82 -4.82 -6.33
CA TYR A 11 2.63 -4.54 -4.90
C TYR A 11 1.61 -3.43 -4.70
N GLU A 12 0.54 -3.73 -3.97
CA GLU A 12 -0.51 -2.75 -3.70
C GLU A 12 -1.00 -2.86 -2.26
N CYS A 13 -1.43 -1.74 -1.70
CA CYS A 13 -1.92 -1.71 -0.33
C CYS A 13 -3.36 -2.22 -0.26
N SER A 14 -3.77 -2.65 0.93
CA SER A 14 -5.12 -3.16 1.13
C SER A 14 -5.98 -2.14 1.87
N GLU A 15 -5.34 -1.34 2.73
CA GLU A 15 -6.05 -0.33 3.50
C GLU A 15 -6.57 0.78 2.59
N CYS A 16 -5.66 1.39 1.84
CA CYS A 16 -6.03 2.48 0.92
C CYS A 16 -6.16 1.96 -0.51
N GLY A 17 -5.18 1.16 -0.94
CA GLY A 17 -5.21 0.61 -2.28
C GLY A 17 -4.20 1.29 -3.19
N LYS A 18 -3.09 1.74 -2.62
CA LYS A 18 -2.05 2.41 -3.40
C LYS A 18 -1.06 1.40 -3.96
N ALA A 19 -0.93 1.37 -5.28
CA ALA A 19 -0.01 0.46 -5.94
C ALA A 19 1.39 1.07 -6.08
N PHE A 20 2.39 0.32 -5.64
CA PHE A 20 3.77 0.80 -5.71
C PHE A 20 4.57 0.00 -6.74
N ASN A 21 5.83 0.38 -6.92
CA ASN A 21 6.70 -0.30 -7.88
C ASN A 21 7.57 -1.34 -7.18
N ARG A 22 8.16 -0.95 -6.06
CA ARG A 22 9.01 -1.85 -5.30
C ARG A 22 8.29 -2.36 -4.05
N LYS A 23 8.68 -3.53 -3.59
CA LYS A 23 8.07 -4.13 -2.41
C LYS A 23 8.29 -3.24 -1.18
N ASP A 24 9.54 -2.86 -0.95
CA ASP A 24 9.88 -2.02 0.19
C ASP A 24 9.00 -0.77 0.22
N GLN A 25 8.75 -0.19 -0.96
CA GLN A 25 7.93 1.00 -1.06
C GLN A 25 6.56 0.78 -0.43
N LEU A 26 5.99 -0.39 -0.66
CA LEU A 26 4.68 -0.74 -0.11
C LEU A 26 4.78 -1.06 1.37
N ILE A 27 5.72 -1.93 1.72
CA ILE A 27 5.93 -2.32 3.11
C ILE A 27 6.12 -1.09 4.01
N SER A 28 7.07 -0.24 3.61
CA SER A 28 7.35 0.97 4.38
C SER A 28 6.12 1.86 4.49
N HIS A 29 5.34 1.93 3.40
CA HIS A 29 4.13 2.74 3.38
C HIS A 29 3.12 2.23 4.41
N GLN A 30 2.91 0.92 4.43
CA GLN A 30 1.96 0.31 5.36
C GLN A 30 2.17 0.86 6.77
N ARG A 31 3.43 1.02 7.16
CA ARG A 31 3.76 1.53 8.49
C ARG A 31 2.76 2.59 8.92
N THR A 32 2.32 3.41 7.97
CA THR A 32 1.37 4.48 8.24
C THR A 32 0.05 3.90 8.77
N HIS A 33 -0.52 2.96 8.02
CA HIS A 33 -1.78 2.35 8.41
C HIS A 33 -1.64 1.62 9.74
N ALA A 34 -0.60 0.81 9.87
CA ALA A 34 -0.36 0.05 11.09
C ALA A 34 -0.24 0.99 12.29
N GLY A 35 -1.31 1.08 13.08
CA GLY A 35 -1.30 1.94 14.24
C GLY A 35 -2.46 1.64 15.18
N GLU A 36 -3.64 1.43 14.62
CA GLU A 36 -4.83 1.15 15.41
C GLU A 36 -5.48 -0.17 14.97
N SER A 37 -4.94 -1.28 15.46
CA SER A 37 -5.46 -2.60 15.10
C SER A 37 -6.88 -2.77 15.62
N GLY A 38 -7.56 -3.81 15.13
CA GLY A 38 -8.92 -4.08 15.55
C GLY A 38 -9.09 -5.47 16.12
N PRO A 39 -10.29 -5.74 16.65
CA PRO A 39 -10.61 -7.05 17.24
C PRO A 39 -10.72 -8.15 16.19
N SER A 40 -10.46 -7.79 14.93
CA SER A 40 -10.54 -8.74 13.84
C SER A 40 -9.41 -8.50 12.83
N SER A 41 -8.42 -9.38 12.83
CA SER A 41 -7.28 -9.25 11.92
C SER A 41 -7.68 -9.64 10.50
N GLY A 42 -8.21 -10.85 10.35
CA GLY A 42 -8.63 -11.32 9.05
C GLY A 42 -7.66 -12.33 8.46
ZN ZN B . -2.08 2.16 2.14
N GLY A 1 -8.54 -4.05 -29.46
CA GLY A 1 -7.74 -3.92 -28.26
C GLY A 1 -7.70 -2.50 -27.73
N SER A 2 -8.44 -2.25 -26.66
CA SER A 2 -8.49 -0.92 -26.06
C SER A 2 -8.27 -0.98 -24.56
N SER A 3 -7.15 -0.42 -24.11
CA SER A 3 -6.81 -0.42 -22.69
C SER A 3 -5.65 0.51 -22.41
N GLY A 4 -5.31 0.66 -21.13
CA GLY A 4 -4.21 1.53 -20.74
C GLY A 4 -3.81 1.36 -19.29
N SER A 5 -3.56 0.12 -18.90
CA SER A 5 -3.17 -0.18 -17.53
C SER A 5 -1.65 -0.33 -17.40
N SER A 6 -0.92 0.56 -18.07
CA SER A 6 0.53 0.53 -18.05
C SER A 6 1.06 0.76 -16.63
N GLY A 7 2.27 0.27 -16.37
CA GLY A 7 2.86 0.44 -15.06
C GLY A 7 2.51 -0.69 -14.11
N GLU A 8 3.05 -1.88 -14.38
CA GLU A 8 2.78 -3.04 -13.55
C GLU A 8 3.01 -2.72 -12.08
N ASN A 9 2.05 -3.13 -11.24
CA ASN A 9 2.14 -2.88 -9.81
C ASN A 9 2.04 -4.19 -9.02
N PRO A 10 3.17 -4.92 -8.94
CA PRO A 10 3.24 -6.19 -8.23
C PRO A 10 3.12 -6.02 -6.71
N TYR A 11 2.93 -4.78 -6.27
CA TYR A 11 2.80 -4.48 -4.86
C TYR A 11 1.83 -3.32 -4.63
N GLU A 12 0.85 -3.55 -3.76
CA GLU A 12 -0.14 -2.53 -3.45
C GLU A 12 -0.67 -2.69 -2.02
N CYS A 13 -1.31 -1.65 -1.51
CA CYS A 13 -1.86 -1.68 -0.16
C CYS A 13 -3.30 -2.19 -0.16
N SER A 14 -3.76 -2.66 0.99
CA SER A 14 -5.11 -3.19 1.12
C SER A 14 -5.99 -2.23 1.91
N GLU A 15 -5.37 -1.42 2.75
CA GLU A 15 -6.11 -0.44 3.56
C GLU A 15 -6.64 0.69 2.69
N CYS A 16 -5.75 1.35 1.96
CA CYS A 16 -6.14 2.46 1.10
C CYS A 16 -6.29 1.98 -0.35
N GLY A 17 -5.30 1.25 -0.83
CA GLY A 17 -5.35 0.74 -2.19
C GLY A 17 -4.30 1.39 -3.09
N LYS A 18 -3.19 1.81 -2.49
CA LYS A 18 -2.11 2.45 -3.23
C LYS A 18 -1.15 1.40 -3.79
N ALA A 19 -0.96 1.42 -5.11
CA ALA A 19 -0.08 0.49 -5.78
C ALA A 19 1.30 1.11 -6.01
N PHE A 20 2.35 0.39 -5.60
CA PHE A 20 3.71 0.88 -5.77
C PHE A 20 4.46 0.05 -6.80
N ASN A 21 5.70 0.44 -7.09
CA ASN A 21 6.52 -0.28 -8.05
C ASN A 21 7.39 -1.31 -7.36
N ARG A 22 8.03 -0.91 -6.26
CA ARG A 22 8.89 -1.80 -5.50
C ARG A 22 8.16 -2.39 -4.31
N LYS A 23 8.69 -3.49 -3.76
CA LYS A 23 8.08 -4.13 -2.61
C LYS A 23 8.34 -3.34 -1.33
N ASP A 24 9.60 -3.01 -1.10
CA ASP A 24 9.99 -2.25 0.09
C ASP A 24 9.15 -0.97 0.20
N GLN A 25 8.90 -0.33 -0.93
CA GLN A 25 8.11 0.90 -0.96
C GLN A 25 6.75 0.68 -0.31
N LEU A 26 6.11 -0.44 -0.66
CA LEU A 26 4.79 -0.76 -0.12
C LEU A 26 4.88 -1.09 1.37
N ILE A 27 5.81 -1.98 1.72
CA ILE A 27 6.00 -2.38 3.11
C ILE A 27 6.14 -1.16 4.01
N SER A 28 7.11 -0.30 3.69
CA SER A 28 7.34 0.90 4.48
C SER A 28 6.10 1.78 4.53
N HIS A 29 5.35 1.79 3.42
CA HIS A 29 4.13 2.59 3.34
C HIS A 29 3.06 2.07 4.29
N GLN A 30 2.92 0.74 4.35
CA GLN A 30 1.93 0.12 5.22
C GLN A 30 2.06 0.65 6.65
N ARG A 31 3.26 1.09 7.01
CA ARG A 31 3.52 1.62 8.34
C ARG A 31 2.55 2.76 8.67
N THR A 32 2.14 3.50 7.64
CA THR A 32 1.22 4.61 7.81
C THR A 32 -0.16 4.12 8.25
N HIS A 33 -0.38 2.82 8.14
CA HIS A 33 -1.66 2.23 8.53
C HIS A 33 -1.52 1.42 9.82
N ALA A 34 -0.56 1.81 10.65
CA ALA A 34 -0.31 1.13 11.92
C ALA A 34 -0.35 2.11 13.08
N GLY A 35 -1.55 2.41 13.57
CA GLY A 35 -1.71 3.32 14.68
C GLY A 35 -1.37 4.75 14.30
N GLU A 36 -0.19 5.22 14.71
CA GLU A 36 0.24 6.57 14.41
C GLU A 36 -0.93 7.56 14.53
N SER A 37 -1.73 7.39 15.57
CA SER A 37 -2.88 8.26 15.79
C SER A 37 -2.49 9.45 16.67
N GLY A 38 -1.76 9.17 17.74
CA GLY A 38 -1.33 10.23 18.64
C GLY A 38 -1.39 9.81 20.09
N PRO A 39 -2.54 10.04 20.73
CA PRO A 39 -2.73 9.69 22.15
C PRO A 39 -2.79 8.18 22.37
N SER A 40 -2.89 7.78 23.63
CA SER A 40 -2.95 6.36 23.97
C SER A 40 -3.82 5.59 22.98
N SER A 41 -3.21 4.65 22.27
CA SER A 41 -3.93 3.84 21.30
C SER A 41 -4.51 2.59 21.93
N GLY A 42 -5.06 2.74 23.13
CA GLY A 42 -5.64 1.61 23.83
C GLY A 42 -4.60 0.57 24.22
ZN ZN B . -1.94 2.08 2.19
N GLY A 1 -7.86 11.48 -9.44
CA GLY A 1 -7.35 10.33 -10.16
C GLY A 1 -8.32 9.16 -10.16
N SER A 2 -7.82 7.98 -10.52
CA SER A 2 -8.65 6.77 -10.56
C SER A 2 -8.22 5.78 -9.48
N SER A 3 -9.04 4.75 -9.28
CA SER A 3 -8.74 3.74 -8.28
C SER A 3 -7.58 2.85 -8.71
N GLY A 4 -7.07 2.05 -7.79
CA GLY A 4 -5.96 1.17 -8.09
C GLY A 4 -6.13 0.46 -9.42
N SER A 5 -5.31 0.83 -10.40
CA SER A 5 -5.37 0.22 -11.72
C SER A 5 -4.25 -0.79 -11.92
N SER A 6 -4.60 -2.06 -12.02
CA SER A 6 -3.62 -3.12 -12.20
C SER A 6 -2.62 -2.75 -13.29
N GLY A 7 -1.56 -3.54 -13.41
CA GLY A 7 -0.55 -3.28 -14.41
C GLY A 7 0.86 -3.62 -13.92
N GLU A 8 1.75 -2.63 -13.96
CA GLU A 8 3.12 -2.84 -13.52
C GLU A 8 3.27 -2.52 -12.04
N ASN A 9 2.37 -3.06 -11.24
CA ASN A 9 2.40 -2.84 -9.79
C ASN A 9 2.19 -4.15 -9.03
N PRO A 10 3.27 -4.94 -8.90
CA PRO A 10 3.23 -6.22 -8.20
C PRO A 10 3.05 -6.05 -6.69
N TYR A 11 2.90 -4.81 -6.25
CA TYR A 11 2.71 -4.52 -4.84
C TYR A 11 1.72 -3.37 -4.64
N GLU A 12 0.70 -3.61 -3.83
CA GLU A 12 -0.32 -2.60 -3.56
C GLU A 12 -0.91 -2.79 -2.18
N CYS A 13 -1.34 -1.69 -1.57
CA CYS A 13 -1.94 -1.73 -0.24
C CYS A 13 -3.39 -2.23 -0.30
N SER A 14 -3.89 -2.71 0.83
CA SER A 14 -5.25 -3.22 0.90
C SER A 14 -6.16 -2.24 1.64
N GLU A 15 -5.56 -1.43 2.51
CA GLU A 15 -6.32 -0.46 3.28
C GLU A 15 -6.79 0.70 2.40
N CYS A 16 -5.83 1.37 1.76
CA CYS A 16 -6.14 2.49 0.89
C CYS A 16 -6.27 2.03 -0.57
N GLY A 17 -5.29 1.24 -1.02
CA GLY A 17 -5.30 0.74 -2.38
C GLY A 17 -4.24 1.38 -3.24
N LYS A 18 -3.14 1.79 -2.62
CA LYS A 18 -2.04 2.43 -3.34
C LYS A 18 -1.08 1.39 -3.90
N ALA A 19 -0.93 1.37 -5.22
CA ALA A 19 -0.04 0.43 -5.88
C ALA A 19 1.34 1.03 -6.08
N PHE A 20 2.37 0.34 -5.59
CA PHE A 20 3.74 0.80 -5.71
C PHE A 20 4.51 -0.01 -6.75
N ASN A 21 5.74 0.39 -7.02
CA ASN A 21 6.57 -0.30 -8.00
C ASN A 21 7.45 -1.34 -7.31
N ARG A 22 8.04 -0.97 -6.18
CA ARG A 22 8.90 -1.87 -5.42
C ARG A 22 8.20 -2.37 -4.17
N LYS A 23 8.48 -3.61 -3.79
CA LYS A 23 7.87 -4.21 -2.62
C LYS A 23 8.15 -3.37 -1.38
N ASP A 24 9.42 -3.07 -1.13
CA ASP A 24 9.80 -2.26 0.02
C ASP A 24 8.95 -1.01 0.12
N GLN A 25 8.80 -0.31 -1.00
CA GLN A 25 7.99 0.91 -1.03
C GLN A 25 6.64 0.69 -0.38
N LEU A 26 6.03 -0.46 -0.65
CA LEU A 26 4.73 -0.79 -0.09
C LEU A 26 4.84 -1.08 1.41
N ILE A 27 5.86 -1.85 1.79
CA ILE A 27 6.07 -2.20 3.18
C ILE A 27 6.23 -0.95 4.04
N SER A 28 7.14 -0.07 3.63
CA SER A 28 7.40 1.16 4.36
C SER A 28 6.12 2.02 4.45
N HIS A 29 5.32 1.97 3.40
CA HIS A 29 4.08 2.73 3.35
C HIS A 29 3.08 2.20 4.38
N GLN A 30 2.90 0.89 4.40
CA GLN A 30 1.97 0.26 5.33
C GLN A 30 2.17 0.80 6.73
N ARG A 31 3.42 1.00 7.12
CA ARG A 31 3.75 1.51 8.45
C ARG A 31 2.70 2.52 8.91
N THR A 32 2.27 3.37 7.98
CA THR A 32 1.26 4.39 8.29
C THR A 32 0.00 3.77 8.85
N HIS A 33 -0.59 2.86 8.08
CA HIS A 33 -1.82 2.18 8.50
C HIS A 33 -1.61 1.42 9.81
N ALA A 34 -0.72 0.44 9.78
CA ALA A 34 -0.42 -0.36 10.97
C ALA A 34 -0.38 0.51 12.21
N GLY A 35 0.31 1.64 12.13
CA GLY A 35 0.41 2.55 13.26
C GLY A 35 -0.62 3.66 13.20
N GLU A 36 -1.86 3.33 13.54
CA GLU A 36 -2.94 4.32 13.52
C GLU A 36 -4.03 3.95 14.53
N SER A 37 -4.37 4.90 15.40
CA SER A 37 -5.39 4.68 16.41
C SER A 37 -6.65 5.49 16.10
N GLY A 38 -7.78 5.03 16.63
CA GLY A 38 -9.03 5.72 16.40
C GLY A 38 -10.17 4.77 16.05
N PRO A 39 -10.19 4.32 14.80
CA PRO A 39 -11.23 3.39 14.31
C PRO A 39 -11.09 2.00 14.92
N SER A 40 -12.18 1.49 15.49
CA SER A 40 -12.18 0.17 16.11
C SER A 40 -11.50 -0.85 15.20
N SER A 41 -12.06 -1.05 14.01
CA SER A 41 -11.50 -2.00 13.06
C SER A 41 -10.38 -1.36 12.24
N GLY A 42 -9.16 -1.46 12.76
CA GLY A 42 -8.02 -0.89 12.07
C GLY A 42 -6.82 -0.71 12.97
ZN ZN B . -2.14 2.01 2.26
N GLY A 1 -1.61 6.58 -32.72
CA GLY A 1 -2.38 7.15 -31.62
C GLY A 1 -1.51 7.65 -30.49
N SER A 2 -2.06 7.65 -29.28
CA SER A 2 -1.33 8.10 -28.11
C SER A 2 -0.54 6.96 -27.49
N SER A 3 0.58 7.29 -26.85
CA SER A 3 1.43 6.28 -26.21
C SER A 3 0.62 5.45 -25.23
N GLY A 4 1.10 4.24 -24.96
CA GLY A 4 0.41 3.35 -24.04
C GLY A 4 1.30 2.90 -22.89
N SER A 5 1.09 3.50 -21.72
CA SER A 5 1.88 3.17 -20.55
C SER A 5 1.42 1.85 -19.93
N SER A 6 2.37 0.97 -19.61
CA SER A 6 2.06 -0.32 -19.03
C SER A 6 1.81 -0.19 -17.52
N GLY A 7 1.13 -1.17 -16.95
CA GLY A 7 0.84 -1.16 -15.53
C GLY A 7 1.35 -2.39 -14.82
N GLU A 8 2.53 -2.28 -14.22
CA GLU A 8 3.14 -3.40 -13.50
C GLU A 8 3.31 -3.07 -12.02
N ASN A 9 2.25 -3.30 -11.24
CA ASN A 9 2.28 -3.02 -9.81
C ASN A 9 2.02 -4.30 -9.01
N PRO A 10 3.06 -5.13 -8.85
CA PRO A 10 2.96 -6.38 -8.11
C PRO A 10 2.79 -6.16 -6.61
N TYR A 11 2.77 -4.90 -6.21
CA TYR A 11 2.61 -4.55 -4.80
C TYR A 11 1.60 -3.41 -4.62
N GLU A 12 0.48 -3.74 -3.98
CA GLU A 12 -0.58 -2.76 -3.75
C GLU A 12 -1.17 -2.91 -2.34
N CYS A 13 -1.42 -1.79 -1.69
CA CYS A 13 -1.98 -1.79 -0.34
C CYS A 13 -3.43 -2.28 -0.37
N SER A 14 -3.91 -2.73 0.80
CA SER A 14 -5.27 -3.21 0.91
C SER A 14 -6.14 -2.23 1.69
N GLU A 15 -5.51 -1.41 2.52
CA GLU A 15 -6.22 -0.42 3.31
C GLU A 15 -6.69 0.74 2.46
N CYS A 16 -5.74 1.40 1.79
CA CYS A 16 -6.06 2.53 0.93
C CYS A 16 -6.20 2.09 -0.53
N GLY A 17 -5.27 1.26 -0.98
CA GLY A 17 -5.31 0.78 -2.35
C GLY A 17 -4.23 1.40 -3.22
N LYS A 18 -3.14 1.83 -2.58
CA LYS A 18 -2.03 2.44 -3.31
C LYS A 18 -1.11 1.38 -3.89
N ALA A 19 -0.80 1.51 -5.18
CA ALA A 19 0.07 0.57 -5.86
C ALA A 19 1.48 1.13 -6.01
N PHE A 20 2.47 0.33 -5.63
CA PHE A 20 3.87 0.75 -5.72
C PHE A 20 4.65 -0.15 -6.69
N ASN A 21 5.72 0.39 -7.25
CA ASN A 21 6.55 -0.36 -8.19
C ASN A 21 7.41 -1.37 -7.46
N ARG A 22 8.00 -0.95 -6.35
CA ARG A 22 8.86 -1.83 -5.54
C ARG A 22 8.13 -2.31 -4.30
N LYS A 23 8.57 -3.44 -3.76
CA LYS A 23 7.96 -4.01 -2.56
C LYS A 23 8.28 -3.15 -1.34
N ASP A 24 9.56 -2.92 -1.10
CA ASP A 24 9.99 -2.10 0.04
C ASP A 24 9.15 -0.83 0.15
N GLN A 25 8.92 -0.18 -0.99
CA GLN A 25 8.14 1.04 -1.02
C GLN A 25 6.78 0.84 -0.36
N LEU A 26 6.15 -0.30 -0.64
CA LEU A 26 4.84 -0.62 -0.07
C LEU A 26 4.97 -0.95 1.41
N ILE A 27 5.96 -1.76 1.75
CA ILE A 27 6.19 -2.17 3.14
C ILE A 27 6.30 -0.94 4.05
N SER A 28 7.21 -0.04 3.71
CA SER A 28 7.42 1.17 4.49
C SER A 28 6.14 2.00 4.56
N HIS A 29 5.36 1.96 3.50
CA HIS A 29 4.11 2.70 3.44
C HIS A 29 3.09 2.14 4.41
N GLN A 30 2.92 0.82 4.39
CA GLN A 30 1.98 0.15 5.27
C GLN A 30 2.10 0.69 6.70
N ARG A 31 3.33 0.92 7.13
CA ARG A 31 3.58 1.43 8.47
C ARG A 31 2.52 2.45 8.88
N THR A 32 2.11 3.29 7.92
CA THR A 32 1.11 4.31 8.17
C THR A 32 -0.16 3.70 8.76
N HIS A 33 -0.70 2.70 8.07
CA HIS A 33 -1.92 2.03 8.51
C HIS A 33 -1.65 1.21 9.77
N ALA A 34 -0.65 0.34 9.70
CA ALA A 34 -0.30 -0.51 10.83
C ALA A 34 0.38 0.31 11.93
N GLY A 35 -0.42 0.81 12.87
CA GLY A 35 0.11 1.61 13.95
C GLY A 35 -0.57 2.95 14.09
N GLU A 36 -1.89 2.97 13.89
CA GLU A 36 -2.66 4.20 13.99
C GLU A 36 -4.14 3.92 13.85
N SER A 37 -4.94 4.53 14.73
CA SER A 37 -6.39 4.34 14.71
C SER A 37 -7.10 5.67 14.51
N GLY A 38 -8.21 5.64 13.77
CA GLY A 38 -8.97 6.86 13.53
C GLY A 38 -9.88 7.21 14.68
N PRO A 39 -11.16 6.79 14.58
CA PRO A 39 -12.15 7.05 15.62
C PRO A 39 -11.88 6.27 16.90
N SER A 40 -10.78 5.54 16.92
CA SER A 40 -10.41 4.74 18.09
C SER A 40 -11.45 3.66 18.37
N SER A 41 -11.87 2.95 17.32
CA SER A 41 -12.86 1.91 17.46
C SER A 41 -12.22 0.52 17.34
N GLY A 42 -12.98 -0.51 17.68
CA GLY A 42 -12.47 -1.87 17.61
C GLY A 42 -13.47 -2.90 18.09
ZN ZN B . -2.08 2.00 2.20
N GLY A 1 -13.92 6.62 -24.75
CA GLY A 1 -12.99 6.11 -23.75
C GLY A 1 -12.46 4.74 -24.10
N SER A 2 -11.34 4.70 -24.82
CA SER A 2 -10.73 3.44 -25.22
C SER A 2 -10.31 2.63 -24.00
N SER A 3 -10.07 1.34 -24.21
CA SER A 3 -9.66 0.45 -23.13
C SER A 3 -8.32 -0.20 -23.44
N GLY A 4 -7.73 -0.83 -22.42
CA GLY A 4 -6.45 -1.49 -22.60
C GLY A 4 -5.31 -0.73 -21.94
N SER A 5 -5.45 -0.48 -20.64
CA SER A 5 -4.44 0.24 -19.89
C SER A 5 -3.59 -0.72 -19.05
N SER A 6 -2.28 -0.64 -19.21
CA SER A 6 -1.37 -1.50 -18.47
C SER A 6 -0.93 -0.85 -17.17
N GLY A 7 -0.55 -1.68 -16.19
CA GLY A 7 -0.11 -1.16 -14.90
C GLY A 7 0.71 -2.15 -14.13
N GLU A 8 2.01 -2.17 -14.38
CA GLU A 8 2.92 -3.09 -13.70
C GLU A 8 3.00 -2.77 -12.21
N ASN A 9 2.02 -3.24 -11.46
CA ASN A 9 1.97 -3.00 -10.02
C ASN A 9 1.97 -4.32 -9.24
N PRO A 10 3.17 -4.91 -9.12
CA PRO A 10 3.35 -6.18 -8.40
C PRO A 10 3.14 -6.04 -6.89
N TYR A 11 2.89 -4.81 -6.46
CA TYR A 11 2.68 -4.54 -5.05
C TYR A 11 1.64 -3.44 -4.85
N GLU A 12 0.58 -3.76 -4.11
CA GLU A 12 -0.49 -2.80 -3.84
C GLU A 12 -1.01 -2.94 -2.41
N CYS A 13 -1.30 -1.81 -1.79
CA CYS A 13 -1.81 -1.81 -0.42
C CYS A 13 -3.24 -2.32 -0.37
N SER A 14 -3.63 -2.84 0.80
CA SER A 14 -4.98 -3.37 0.98
C SER A 14 -5.82 -2.42 1.84
N GLU A 15 -5.16 -1.64 2.68
CA GLU A 15 -5.84 -0.70 3.55
C GLU A 15 -6.45 0.44 2.75
N CYS A 16 -5.64 1.09 1.92
CA CYS A 16 -6.10 2.20 1.11
C CYS A 16 -6.23 1.77 -0.35
N GLY A 17 -5.22 1.07 -0.86
CA GLY A 17 -5.25 0.61 -2.24
C GLY A 17 -4.21 1.31 -3.09
N LYS A 18 -3.15 1.77 -2.46
CA LYS A 18 -2.07 2.46 -3.17
C LYS A 18 -1.11 1.46 -3.79
N ALA A 19 -0.96 1.54 -5.11
CA ALA A 19 -0.06 0.64 -5.83
C ALA A 19 1.35 1.22 -5.93
N PHE A 20 2.33 0.41 -5.60
CA PHE A 20 3.73 0.84 -5.64
C PHE A 20 4.51 0.07 -6.71
N ASN A 21 5.75 0.49 -6.95
CA ASN A 21 6.60 -0.17 -7.93
C ASN A 21 7.39 -1.31 -7.30
N ARG A 22 7.99 -1.03 -6.14
CA ARG A 22 8.78 -2.03 -5.44
C ARG A 22 8.02 -2.58 -4.23
N LYS A 23 8.49 -3.71 -3.70
CA LYS A 23 7.86 -4.33 -2.54
C LYS A 23 8.17 -3.55 -1.27
N ASP A 24 9.44 -3.24 -1.07
CA ASP A 24 9.86 -2.51 0.12
C ASP A 24 9.07 -1.21 0.26
N GLN A 25 8.96 -0.47 -0.83
CA GLN A 25 8.22 0.80 -0.82
C GLN A 25 6.84 0.62 -0.19
N LEU A 26 6.11 -0.37 -0.67
CA LEU A 26 4.77 -0.64 -0.16
C LEU A 26 4.82 -0.97 1.33
N ILE A 27 5.76 -1.83 1.71
CA ILE A 27 5.92 -2.23 3.10
C ILE A 27 6.11 -1.02 4.00
N SER A 28 7.05 -0.16 3.64
CA SER A 28 7.34 1.04 4.41
C SER A 28 6.12 1.94 4.50
N HIS A 29 5.27 1.88 3.48
CA HIS A 29 4.05 2.68 3.44
C HIS A 29 3.02 2.15 4.43
N GLN A 30 2.90 0.84 4.49
CA GLN A 30 1.94 0.20 5.40
C GLN A 30 2.12 0.71 6.83
N ARG A 31 3.33 1.19 7.12
CA ARG A 31 3.63 1.72 8.45
C ARG A 31 2.73 2.89 8.80
N THR A 32 2.29 3.62 7.77
CA THR A 32 1.42 4.77 7.96
C THR A 32 0.01 4.35 8.34
N HIS A 33 -0.28 3.06 8.17
CA HIS A 33 -1.60 2.52 8.49
C HIS A 33 -1.63 1.99 9.93
N ALA A 34 -0.58 1.28 10.31
CA ALA A 34 -0.49 0.72 11.65
C ALA A 34 -0.59 1.82 12.71
N GLY A 35 -1.55 1.65 13.63
CA GLY A 35 -1.73 2.63 14.69
C GLY A 35 -0.80 2.40 15.87
N GLU A 36 -0.56 3.45 16.64
CA GLU A 36 0.31 3.34 17.81
C GLU A 36 0.19 4.59 18.69
N SER A 37 -0.06 4.37 19.97
CA SER A 37 -0.20 5.47 20.92
C SER A 37 0.92 5.45 21.96
N GLY A 38 1.61 6.57 22.11
CA GLY A 38 2.68 6.66 23.08
C GLY A 38 3.30 8.04 23.13
N PRO A 39 3.82 8.41 24.32
CA PRO A 39 4.45 9.72 24.53
C PRO A 39 5.78 9.85 23.80
N SER A 40 6.44 8.72 23.57
CA SER A 40 7.72 8.71 22.88
C SER A 40 7.57 8.20 21.46
N SER A 41 6.51 8.65 20.79
CA SER A 41 6.25 8.25 19.41
C SER A 41 6.24 9.44 18.47
N GLY A 42 5.41 10.43 18.78
CA GLY A 42 5.32 11.61 17.96
C GLY A 42 4.96 12.85 18.76
ZN ZN B . -2.07 2.01 2.22
N GLY A 1 -11.16 4.10 -12.56
CA GLY A 1 -9.92 3.85 -13.25
C GLY A 1 -10.09 2.89 -14.42
N SER A 2 -11.10 3.13 -15.24
CA SER A 2 -11.38 2.29 -16.40
C SER A 2 -10.11 2.02 -17.18
N SER A 3 -9.34 3.07 -17.44
CA SER A 3 -8.09 2.95 -18.19
C SER A 3 -7.33 1.70 -17.77
N GLY A 4 -6.83 0.96 -18.77
CA GLY A 4 -6.09 -0.26 -18.48
C GLY A 4 -4.77 0.02 -17.79
N SER A 5 -4.36 -0.90 -16.92
CA SER A 5 -3.11 -0.74 -16.18
C SER A 5 -1.91 -0.80 -17.12
N SER A 6 -1.08 0.23 -17.08
CA SER A 6 0.11 0.29 -17.93
C SER A 6 1.33 -0.26 -17.21
N GLY A 7 1.54 0.21 -15.98
CA GLY A 7 2.68 -0.24 -15.20
C GLY A 7 2.29 -1.28 -14.17
N GLU A 8 2.57 -2.54 -14.48
CA GLU A 8 2.25 -3.64 -13.56
C GLU A 8 2.48 -3.23 -12.12
N ASN A 9 1.54 -3.59 -11.24
CA ASN A 9 1.65 -3.25 -9.83
C ASN A 9 1.68 -4.52 -8.97
N PRO A 10 2.86 -5.14 -8.88
CA PRO A 10 3.05 -6.37 -8.11
C PRO A 10 2.96 -6.13 -6.60
N TYR A 11 2.76 -4.86 -6.23
CA TYR A 11 2.66 -4.49 -4.82
C TYR A 11 1.59 -3.43 -4.62
N GLU A 12 0.44 -3.85 -4.07
CA GLU A 12 -0.66 -2.93 -3.82
C GLU A 12 -1.09 -2.99 -2.35
N CYS A 13 -1.28 -1.81 -1.76
CA CYS A 13 -1.69 -1.71 -0.37
C CYS A 13 -3.16 -2.08 -0.20
N SER A 14 -3.42 -3.13 0.58
CA SER A 14 -4.78 -3.59 0.82
C SER A 14 -5.40 -2.86 1.99
N GLU A 15 -4.93 -1.64 2.25
CA GLU A 15 -5.43 -0.83 3.34
C GLU A 15 -6.07 0.45 2.83
N CYS A 16 -5.46 1.04 1.81
CA CYS A 16 -5.96 2.28 1.22
C CYS A 16 -6.32 2.07 -0.25
N GLY A 17 -5.47 1.36 -0.97
CA GLY A 17 -5.72 1.10 -2.38
C GLY A 17 -4.65 1.69 -3.28
N LYS A 18 -3.44 1.83 -2.73
CA LYS A 18 -2.32 2.39 -3.49
C LYS A 18 -1.49 1.27 -4.11
N ALA A 19 -0.63 1.65 -5.05
CA ALA A 19 0.23 0.68 -5.73
C ALA A 19 1.65 1.22 -5.88
N PHE A 20 2.63 0.38 -5.58
CA PHE A 20 4.03 0.78 -5.69
C PHE A 20 4.79 -0.15 -6.64
N ASN A 21 5.86 0.37 -7.25
CA ASN A 21 6.66 -0.41 -8.18
C ASN A 21 7.49 -1.45 -7.43
N ARG A 22 8.08 -1.04 -6.31
CA ARG A 22 8.91 -1.94 -5.51
C ARG A 22 8.14 -2.43 -4.29
N LYS A 23 8.57 -3.58 -3.76
CA LYS A 23 7.92 -4.15 -2.59
C LYS A 23 8.23 -3.35 -1.33
N ASP A 24 9.50 -3.02 -1.15
CA ASP A 24 9.93 -2.25 0.02
C ASP A 24 9.12 -0.96 0.14
N GLN A 25 8.98 -0.25 -0.97
CA GLN A 25 8.23 1.00 -0.99
C GLN A 25 6.87 0.83 -0.31
N LEU A 26 6.19 -0.27 -0.65
CA LEU A 26 4.88 -0.55 -0.07
C LEU A 26 4.98 -0.88 1.41
N ILE A 27 5.94 -1.74 1.76
CA ILE A 27 6.14 -2.13 3.14
C ILE A 27 6.28 -0.91 4.04
N SER A 28 7.22 -0.03 3.72
CA SER A 28 7.46 1.18 4.49
C SER A 28 6.17 2.00 4.61
N HIS A 29 5.39 2.02 3.54
CA HIS A 29 4.14 2.77 3.52
C HIS A 29 3.12 2.13 4.45
N GLN A 30 3.03 0.80 4.42
CA GLN A 30 2.08 0.08 5.25
C GLN A 30 2.19 0.52 6.70
N ARG A 31 3.36 1.06 7.07
CA ARG A 31 3.59 1.52 8.43
C ARG A 31 2.56 2.56 8.84
N THR A 32 2.06 3.32 7.87
CA THR A 32 1.07 4.34 8.13
C THR A 32 -0.27 3.72 8.49
N HIS A 33 -0.45 2.45 8.16
CA HIS A 33 -1.69 1.75 8.45
C HIS A 33 -1.54 0.90 9.72
N ALA A 34 -0.59 -0.03 9.69
CA ALA A 34 -0.35 -0.91 10.83
C ALA A 34 -1.64 -1.25 11.55
N GLY A 35 -2.69 -1.52 10.77
CA GLY A 35 -3.98 -1.85 11.35
C GLY A 35 -4.20 -3.34 11.46
N GLU A 36 -5.46 -3.77 11.38
CA GLU A 36 -5.79 -5.18 11.47
C GLU A 36 -5.72 -5.85 10.10
N SER A 37 -4.91 -6.91 10.00
CA SER A 37 -4.74 -7.63 8.75
C SER A 37 -5.96 -8.50 8.46
N GLY A 38 -6.14 -8.84 7.18
CA GLY A 38 -7.27 -9.66 6.79
C GLY A 38 -8.07 -9.05 5.66
N PRO A 39 -8.90 -9.87 4.99
CA PRO A 39 -9.74 -9.42 3.88
C PRO A 39 -10.87 -8.50 4.34
N SER A 40 -10.81 -7.25 3.88
CA SER A 40 -11.83 -6.26 4.23
C SER A 40 -13.04 -6.36 3.31
N SER A 41 -12.78 -6.32 2.01
CA SER A 41 -13.84 -6.40 1.01
C SER A 41 -13.38 -7.18 -0.21
N GLY A 42 -14.31 -7.91 -0.83
CA GLY A 42 -13.99 -8.68 -2.01
C GLY A 42 -13.21 -7.90 -3.03
ZN ZN B . -1.90 2.23 2.18
N GLY A 1 -6.48 8.94 -16.60
CA GLY A 1 -6.58 7.52 -16.33
C GLY A 1 -5.21 6.87 -16.19
N SER A 2 -5.06 6.02 -15.17
CA SER A 2 -3.80 5.33 -14.94
C SER A 2 -3.79 3.96 -15.61
N SER A 3 -3.10 3.85 -16.73
CA SER A 3 -3.02 2.60 -17.47
C SER A 3 -1.64 1.96 -17.30
N GLY A 4 -1.47 0.78 -17.89
CA GLY A 4 -0.20 0.09 -17.80
C GLY A 4 0.74 0.45 -18.93
N SER A 5 1.49 1.52 -18.75
CA SER A 5 2.44 1.98 -19.77
C SER A 5 3.87 1.66 -19.36
N SER A 6 4.28 2.15 -18.20
CA SER A 6 5.63 1.92 -17.69
C SER A 6 5.63 0.84 -16.62
N GLY A 7 6.16 -0.33 -16.98
CA GLY A 7 6.23 -1.43 -16.05
C GLY A 7 4.88 -1.75 -15.43
N GLU A 8 4.85 -1.98 -14.12
CA GLU A 8 3.62 -2.29 -13.42
C GLU A 8 3.83 -2.27 -11.91
N ASN A 9 2.74 -2.20 -11.16
CA ASN A 9 2.81 -2.17 -9.70
C ASN A 9 2.27 -3.47 -9.11
N PRO A 10 3.12 -4.51 -9.11
CA PRO A 10 2.76 -5.83 -8.58
C PRO A 10 2.62 -5.82 -7.06
N TYR A 11 2.80 -4.65 -6.47
CA TYR A 11 2.70 -4.50 -5.02
C TYR A 11 1.63 -3.48 -4.64
N GLU A 12 0.42 -3.95 -4.42
CA GLU A 12 -0.69 -3.08 -4.04
C GLU A 12 -0.91 -3.08 -2.54
N CYS A 13 -1.21 -1.91 -1.98
CA CYS A 13 -1.44 -1.78 -0.55
C CYS A 13 -2.85 -2.22 -0.19
N SER A 14 -2.95 -3.29 0.59
CA SER A 14 -4.26 -3.80 1.01
C SER A 14 -4.76 -3.09 2.26
N GLU A 15 -4.50 -1.79 2.32
CA GLU A 15 -4.91 -1.00 3.47
C GLU A 15 -5.68 0.25 3.02
N CYS A 16 -5.22 0.85 1.93
CA CYS A 16 -5.85 2.05 1.39
C CYS A 16 -6.27 1.83 -0.06
N GLY A 17 -5.43 1.13 -0.81
CA GLY A 17 -5.73 0.86 -2.21
C GLY A 17 -4.71 1.47 -3.14
N LYS A 18 -3.50 1.68 -2.64
CA LYS A 18 -2.43 2.26 -3.44
C LYS A 18 -1.61 1.17 -4.11
N ALA A 19 -0.66 1.58 -4.95
CA ALA A 19 0.19 0.63 -5.66
C ALA A 19 1.60 1.19 -5.84
N PHE A 20 2.60 0.36 -5.56
CA PHE A 20 3.99 0.77 -5.69
C PHE A 20 4.74 -0.14 -6.65
N ASN A 21 5.99 0.21 -6.94
CA ASN A 21 6.82 -0.56 -7.86
C ASN A 21 7.70 -1.54 -7.09
N ARG A 22 8.33 -1.05 -6.02
CA ARG A 22 9.21 -1.88 -5.21
C ARG A 22 8.50 -2.34 -3.94
N LYS A 23 8.53 -3.65 -3.69
CA LYS A 23 7.90 -4.22 -2.52
C LYS A 23 8.19 -3.38 -1.27
N ASP A 24 9.48 -3.17 -1.01
CA ASP A 24 9.90 -2.39 0.15
C ASP A 24 9.06 -1.12 0.29
N GLN A 25 8.99 -0.35 -0.80
CA GLN A 25 8.23 0.89 -0.79
C GLN A 25 6.86 0.69 -0.15
N LEU A 26 6.15 -0.35 -0.58
CA LEU A 26 4.84 -0.65 -0.03
C LEU A 26 4.91 -0.97 1.46
N ILE A 27 5.87 -1.81 1.83
CA ILE A 27 6.06 -2.18 3.23
C ILE A 27 6.20 -0.95 4.11
N SER A 28 7.14 -0.08 3.76
CA SER A 28 7.38 1.14 4.53
C SER A 28 6.12 2.00 4.59
N HIS A 29 5.39 2.04 3.47
CA HIS A 29 4.16 2.83 3.39
C HIS A 29 3.10 2.27 4.34
N GLN A 30 2.91 0.96 4.29
CA GLN A 30 1.91 0.30 5.14
C GLN A 30 2.08 0.74 6.60
N ARG A 31 3.29 1.17 6.95
CA ARG A 31 3.58 1.60 8.31
C ARG A 31 2.65 2.74 8.73
N THR A 32 2.28 3.57 7.76
CA THR A 32 1.40 4.71 8.02
C THR A 32 0.01 4.23 8.43
N HIS A 33 -0.30 2.97 8.13
CA HIS A 33 -1.60 2.40 8.45
C HIS A 33 -1.56 1.70 9.81
N ALA A 34 -0.55 0.86 10.00
CA ALA A 34 -0.39 0.13 11.26
C ALA A 34 0.00 1.07 12.40
N GLY A 35 -0.94 1.31 13.30
CA GLY A 35 -0.68 2.20 14.42
C GLY A 35 -1.89 2.37 15.31
N GLU A 36 -2.33 1.29 15.93
CA GLU A 36 -3.50 1.34 16.82
C GLU A 36 -3.32 0.40 18.00
N SER A 37 -3.82 0.81 19.16
CA SER A 37 -3.71 0.01 20.37
C SER A 37 -4.29 -1.39 20.14
N GLY A 38 -3.51 -2.41 20.49
CA GLY A 38 -3.97 -3.78 20.32
C GLY A 38 -4.27 -4.45 21.65
N PRO A 39 -5.47 -4.18 22.20
CA PRO A 39 -5.90 -4.76 23.47
C PRO A 39 -6.18 -6.26 23.37
N SER A 40 -6.03 -6.80 22.17
CA SER A 40 -6.27 -8.21 21.92
C SER A 40 -4.98 -8.92 21.52
N SER A 41 -4.93 -10.23 21.75
CA SER A 41 -3.75 -11.02 21.42
C SER A 41 -3.68 -11.28 19.92
N GLY A 42 -2.46 -11.44 19.41
CA GLY A 42 -2.27 -11.69 17.99
C GLY A 42 -1.96 -10.42 17.22
ZN ZN B . -1.74 2.24 2.04
N GLY A 1 -6.55 13.65 -15.08
CA GLY A 1 -5.50 12.68 -15.33
C GLY A 1 -6.03 11.27 -15.40
N SER A 2 -5.73 10.59 -16.51
CA SER A 2 -6.19 9.21 -16.71
C SER A 2 -5.10 8.23 -16.32
N SER A 3 -3.88 8.46 -16.81
CA SER A 3 -2.75 7.58 -16.52
C SER A 3 -2.14 7.92 -15.16
N GLY A 4 -1.44 6.96 -14.57
CA GLY A 4 -0.80 7.18 -13.29
C GLY A 4 0.52 6.46 -13.16
N SER A 5 0.55 5.19 -13.55
CA SER A 5 1.76 4.39 -13.48
C SER A 5 1.86 3.44 -14.66
N SER A 6 3.06 2.93 -14.91
CA SER A 6 3.29 2.02 -16.02
C SER A 6 2.17 0.99 -16.11
N GLY A 7 1.81 0.40 -14.98
CA GLY A 7 0.75 -0.59 -14.95
C GLY A 7 1.11 -1.80 -14.11
N GLU A 8 2.29 -2.35 -14.36
CA GLU A 8 2.75 -3.52 -13.62
C GLU A 8 2.99 -3.18 -12.15
N ASN A 9 1.96 -3.34 -11.33
CA ASN A 9 2.05 -3.05 -9.90
C ASN A 9 1.91 -4.32 -9.07
N PRO A 10 3.01 -5.07 -8.95
CA PRO A 10 3.04 -6.32 -8.18
C PRO A 10 2.91 -6.09 -6.68
N TYR A 11 2.74 -4.82 -6.30
CA TYR A 11 2.62 -4.46 -4.89
C TYR A 11 1.59 -3.34 -4.72
N GLU A 12 0.61 -3.59 -3.85
CA GLU A 12 -0.44 -2.61 -3.58
C GLU A 12 -0.98 -2.76 -2.17
N CYS A 13 -1.41 -1.64 -1.58
CA CYS A 13 -1.95 -1.66 -0.22
C CYS A 13 -3.38 -2.20 -0.21
N SER A 14 -3.83 -2.64 0.96
CA SER A 14 -5.17 -3.19 1.10
C SER A 14 -6.08 -2.22 1.83
N GLU A 15 -5.48 -1.34 2.64
CA GLU A 15 -6.24 -0.36 3.39
C GLU A 15 -6.69 0.79 2.50
N CYS A 16 -5.74 1.45 1.87
CA CYS A 16 -6.03 2.57 0.98
C CYS A 16 -6.14 2.10 -0.46
N GLY A 17 -5.25 1.20 -0.87
CA GLY A 17 -5.27 0.68 -2.22
C GLY A 17 -4.24 1.34 -3.10
N LYS A 18 -3.12 1.74 -2.52
CA LYS A 18 -2.06 2.40 -3.27
C LYS A 18 -1.10 1.36 -3.86
N ALA A 19 -0.94 1.41 -5.18
CA ALA A 19 -0.05 0.49 -5.88
C ALA A 19 1.35 1.07 -6.02
N PHE A 20 2.35 0.32 -5.58
CA PHE A 20 3.73 0.77 -5.66
C PHE A 20 4.51 -0.05 -6.69
N ASN A 21 5.73 0.39 -6.99
CA ASN A 21 6.57 -0.28 -7.96
C ASN A 21 7.48 -1.30 -7.27
N ARG A 22 8.01 -0.91 -6.11
CA ARG A 22 8.90 -1.79 -5.35
C ARG A 22 8.19 -2.33 -4.11
N LYS A 23 8.56 -3.54 -3.72
CA LYS A 23 7.96 -4.19 -2.54
C LYS A 23 8.29 -3.41 -1.28
N ASP A 24 9.53 -2.95 -1.17
CA ASP A 24 9.96 -2.19 -0.01
C ASP A 24 9.16 -0.91 0.13
N GLN A 25 8.99 -0.19 -0.98
CA GLN A 25 8.24 1.06 -0.97
C GLN A 25 6.85 0.85 -0.40
N LEU A 26 6.28 -0.32 -0.63
CA LEU A 26 4.95 -0.64 -0.13
C LEU A 26 4.99 -0.99 1.36
N ILE A 27 5.94 -1.84 1.74
CA ILE A 27 6.09 -2.25 3.12
C ILE A 27 6.21 -1.04 4.05
N SER A 28 7.19 -0.17 3.75
CA SER A 28 7.41 1.02 4.55
C SER A 28 6.17 1.90 4.58
N HIS A 29 5.38 1.83 3.51
CA HIS A 29 4.16 2.63 3.41
C HIS A 29 3.07 2.04 4.32
N GLN A 30 3.05 0.72 4.44
CA GLN A 30 2.05 0.05 5.26
C GLN A 30 2.11 0.55 6.70
N ARG A 31 3.28 1.03 7.11
CA ARG A 31 3.46 1.55 8.46
C ARG A 31 2.48 2.68 8.76
N THR A 32 2.02 3.34 7.70
CA THR A 32 1.06 4.44 7.84
C THR A 32 -0.29 3.94 8.33
N HIS A 33 -0.57 2.66 8.07
CA HIS A 33 -1.83 2.06 8.47
C HIS A 33 -1.64 1.16 9.70
N ALA A 34 -0.73 1.56 10.58
CA ALA A 34 -0.45 0.80 11.79
C ALA A 34 -1.09 1.45 13.01
N GLY A 35 -0.80 2.73 13.20
CA GLY A 35 -1.35 3.45 14.34
C GLY A 35 -0.36 3.60 15.47
N GLU A 36 -0.63 4.54 16.37
CA GLU A 36 0.26 4.78 17.51
C GLU A 36 0.74 3.47 18.12
N SER A 37 2.02 3.42 18.47
CA SER A 37 2.61 2.22 19.06
C SER A 37 2.48 2.24 20.58
N GLY A 38 1.31 2.65 21.06
CA GLY A 38 1.08 2.70 22.49
C GLY A 38 0.35 1.48 23.01
N PRO A 39 -0.95 1.39 22.72
CA PRO A 39 -1.78 0.27 23.15
C PRO A 39 -1.43 -1.03 22.44
N SER A 40 -0.45 -0.96 21.55
CA SER A 40 -0.02 -2.13 20.79
C SER A 40 1.50 -2.30 20.88
N SER A 41 1.95 -3.55 20.91
CA SER A 41 3.38 -3.85 20.99
C SER A 41 3.96 -3.35 22.31
N GLY A 42 3.22 -3.56 23.39
CA GLY A 42 3.68 -3.12 24.70
C GLY A 42 3.97 -4.28 25.63
ZN ZN B . -1.89 2.13 2.14
N GLY A 1 -12.02 -12.20 -17.51
CA GLY A 1 -11.62 -11.74 -16.19
C GLY A 1 -10.53 -10.68 -16.26
N SER A 2 -10.92 -9.43 -16.01
CA SER A 2 -9.98 -8.32 -16.05
C SER A 2 -9.57 -7.91 -14.63
N SER A 3 -8.29 -7.58 -14.46
CA SER A 3 -7.78 -7.18 -13.16
C SER A 3 -6.97 -5.88 -13.28
N GLY A 4 -5.99 -5.89 -14.17
CA GLY A 4 -5.16 -4.70 -14.36
C GLY A 4 -4.26 -4.82 -15.59
N SER A 5 -4.70 -4.23 -16.69
CA SER A 5 -3.93 -4.27 -17.94
C SER A 5 -3.48 -2.87 -18.33
N SER A 6 -3.03 -2.09 -17.35
CA SER A 6 -2.57 -0.74 -17.61
C SER A 6 -1.06 -0.62 -17.40
N GLY A 7 -0.60 -1.07 -16.23
CA GLY A 7 0.82 -1.01 -15.92
C GLY A 7 1.30 -2.26 -15.21
N GLU A 8 2.38 -2.12 -14.44
CA GLU A 8 2.95 -3.24 -13.71
C GLU A 8 3.18 -2.87 -12.24
N ASN A 9 2.17 -3.13 -11.41
CA ASN A 9 2.25 -2.82 -9.99
C ASN A 9 1.85 -4.03 -9.15
N PRO A 10 2.78 -4.97 -8.98
CA PRO A 10 2.55 -6.20 -8.19
C PRO A 10 2.42 -5.91 -6.71
N TYR A 11 2.69 -4.67 -6.32
CA TYR A 11 2.61 -4.27 -4.92
C TYR A 11 1.48 -3.26 -4.71
N GLU A 12 0.33 -3.75 -4.24
CA GLU A 12 -0.82 -2.89 -3.99
C GLU A 12 -1.30 -3.03 -2.56
N CYS A 13 -1.52 -1.91 -1.89
CA CYS A 13 -1.99 -1.90 -0.51
C CYS A 13 -3.42 -2.41 -0.42
N SER A 14 -3.81 -2.87 0.76
CA SER A 14 -5.15 -3.39 0.98
C SER A 14 -5.97 -2.44 1.84
N GLU A 15 -5.28 -1.64 2.65
CA GLU A 15 -5.94 -0.67 3.53
C GLU A 15 -6.55 0.47 2.72
N CYS A 16 -5.70 1.20 2.01
CA CYS A 16 -6.16 2.33 1.20
C CYS A 16 -6.31 1.91 -0.26
N GLY A 17 -5.36 1.13 -0.75
CA GLY A 17 -5.41 0.68 -2.13
C GLY A 17 -4.28 1.24 -2.97
N LYS A 18 -3.25 1.74 -2.30
CA LYS A 18 -2.10 2.32 -2.99
C LYS A 18 -1.38 1.27 -3.83
N ALA A 19 -0.42 1.71 -4.63
CA ALA A 19 0.34 0.81 -5.48
C ALA A 19 1.77 1.30 -5.67
N PHE A 20 2.74 0.42 -5.43
CA PHE A 20 4.14 0.77 -5.57
C PHE A 20 4.86 -0.20 -6.52
N ASN A 21 6.02 0.22 -7.01
CA ASN A 21 6.80 -0.60 -7.94
C ASN A 21 7.66 -1.61 -7.18
N ARG A 22 8.32 -1.13 -6.13
CA ARG A 22 9.18 -1.99 -5.32
C ARG A 22 8.46 -2.45 -4.06
N LYS A 23 8.80 -3.64 -3.59
CA LYS A 23 8.19 -4.20 -2.39
C LYS A 23 8.49 -3.33 -1.17
N ASP A 24 9.75 -2.96 -1.00
CA ASP A 24 10.15 -2.12 0.12
C ASP A 24 9.29 -0.87 0.20
N GLN A 25 9.08 -0.22 -0.94
CA GLN A 25 8.26 0.99 -0.99
C GLN A 25 6.91 0.76 -0.34
N LEU A 26 6.26 -0.35 -0.70
CA LEU A 26 4.95 -0.68 -0.15
C LEU A 26 5.04 -0.96 1.34
N ILE A 27 6.00 -1.80 1.73
CA ILE A 27 6.19 -2.15 3.12
C ILE A 27 6.29 -0.90 4.00
N SER A 28 7.23 -0.02 3.66
CA SER A 28 7.42 1.21 4.41
C SER A 28 6.14 2.04 4.44
N HIS A 29 5.34 1.91 3.38
CA HIS A 29 4.08 2.65 3.28
C HIS A 29 3.04 2.06 4.22
N GLN A 30 2.92 0.74 4.22
CA GLN A 30 1.95 0.07 5.07
C GLN A 30 2.03 0.58 6.51
N ARG A 31 3.20 1.07 6.89
CA ARG A 31 3.42 1.59 8.23
C ARG A 31 2.37 2.65 8.58
N THR A 32 1.97 3.43 7.57
CA THR A 32 0.98 4.47 7.77
C THR A 32 -0.35 3.90 8.26
N HIS A 33 -0.49 2.58 8.17
CA HIS A 33 -1.70 1.91 8.62
C HIS A 33 -1.43 1.08 9.87
N ALA A 34 -0.45 1.51 10.66
CA ALA A 34 -0.10 0.80 11.89
C ALA A 34 -0.31 1.69 13.11
N GLY A 35 -0.57 1.06 14.26
CA GLY A 35 -0.79 1.81 15.47
C GLY A 35 -2.08 1.44 16.16
N GLU A 36 -2.46 0.16 16.06
CA GLU A 36 -3.69 -0.33 16.66
C GLU A 36 -3.39 -1.19 17.88
N SER A 37 -2.38 -0.79 18.66
CA SER A 37 -1.99 -1.52 19.85
C SER A 37 -3.21 -2.14 20.54
N GLY A 38 -4.28 -1.36 20.65
CA GLY A 38 -5.48 -1.85 21.29
C GLY A 38 -6.59 -0.81 21.29
N PRO A 39 -7.85 -1.27 21.25
CA PRO A 39 -9.03 -0.40 21.24
C PRO A 39 -9.23 0.30 22.58
N SER A 40 -8.78 1.54 22.68
CA SER A 40 -8.90 2.32 23.90
C SER A 40 -10.35 2.32 24.39
N SER A 41 -10.53 2.02 25.67
CA SER A 41 -11.87 1.99 26.26
C SER A 41 -12.89 1.47 25.26
N GLY A 42 -12.54 0.39 24.57
CA GLY A 42 -13.44 -0.19 23.59
C GLY A 42 -12.86 -1.44 22.94
ZN ZN B . -1.95 1.90 2.14
N GLY A 1 0.14 -4.26 -32.45
CA GLY A 1 0.01 -4.62 -31.05
C GLY A 1 -0.49 -3.48 -30.20
N SER A 2 0.42 -2.64 -29.72
CA SER A 2 0.06 -1.50 -28.88
C SER A 2 -1.02 -1.89 -27.87
N SER A 3 -0.86 -3.08 -27.28
CA SER A 3 -1.82 -3.57 -26.31
C SER A 3 -1.13 -3.85 -24.97
N GLY A 4 -1.62 -3.21 -23.91
CA GLY A 4 -1.03 -3.40 -22.60
C GLY A 4 -1.03 -2.12 -21.77
N SER A 5 -1.16 -2.27 -20.46
CA SER A 5 -1.19 -1.13 -19.56
C SER A 5 0.21 -0.82 -19.04
N SER A 6 0.47 0.45 -18.78
CA SER A 6 1.79 0.88 -18.28
C SER A 6 1.76 1.07 -16.77
N GLY A 7 1.11 0.14 -16.08
CA GLY A 7 1.02 0.22 -14.63
C GLY A 7 1.37 -1.10 -13.96
N GLU A 8 2.63 -1.49 -14.04
CA GLU A 8 3.08 -2.74 -13.44
C GLU A 8 3.32 -2.56 -11.94
N ASN A 9 2.26 -2.73 -11.15
CA ASN A 9 2.35 -2.59 -9.71
C ASN A 9 1.91 -3.87 -9.01
N PRO A 10 2.80 -4.86 -8.96
CA PRO A 10 2.54 -6.14 -8.32
C PRO A 10 2.43 -6.03 -6.80
N TYR A 11 2.64 -4.82 -6.29
CA TYR A 11 2.57 -4.58 -4.86
C TYR A 11 1.56 -3.49 -4.53
N GLU A 12 0.31 -3.90 -4.28
CA GLU A 12 -0.75 -2.96 -3.98
C GLU A 12 -0.99 -2.90 -2.47
N CYS A 13 -1.28 -1.71 -1.97
CA CYS A 13 -1.54 -1.52 -0.54
C CYS A 13 -2.92 -2.04 -0.16
N SER A 14 -2.93 -3.15 0.58
CA SER A 14 -4.19 -3.76 1.02
C SER A 14 -4.83 -2.94 2.13
N GLU A 15 -4.23 -1.80 2.46
CA GLU A 15 -4.75 -0.93 3.50
C GLU A 15 -5.57 0.19 2.91
N CYS A 16 -5.07 0.80 1.84
CA CYS A 16 -5.75 1.90 1.18
C CYS A 16 -5.94 1.60 -0.31
N GLY A 17 -4.98 0.90 -0.89
CA GLY A 17 -5.06 0.56 -2.30
C GLY A 17 -3.86 1.06 -3.08
N LYS A 18 -3.23 2.12 -2.59
CA LYS A 18 -2.07 2.70 -3.24
C LYS A 18 -1.15 1.62 -3.77
N ALA A 19 -0.82 1.70 -5.06
CA ALA A 19 0.06 0.72 -5.69
C ALA A 19 1.49 1.26 -5.82
N PHE A 20 2.46 0.40 -5.54
CA PHE A 20 3.86 0.79 -5.61
C PHE A 20 4.62 -0.09 -6.61
N ASN A 21 5.87 0.26 -6.88
CA ASN A 21 6.70 -0.49 -7.81
C ASN A 21 7.64 -1.42 -7.07
N ARG A 22 8.20 -0.93 -5.96
CA ARG A 22 9.12 -1.71 -5.15
C ARG A 22 8.45 -2.20 -3.88
N LYS A 23 8.39 -3.53 -3.72
CA LYS A 23 7.77 -4.12 -2.54
C LYS A 23 8.17 -3.37 -1.28
N ASP A 24 9.45 -3.03 -1.18
CA ASP A 24 9.97 -2.32 -0.01
C ASP A 24 9.21 -1.01 0.19
N GLN A 25 9.00 -0.26 -0.89
CA GLN A 25 8.30 1.00 -0.83
C GLN A 25 6.92 0.83 -0.20
N LEU A 26 6.20 -0.20 -0.66
CA LEU A 26 4.86 -0.49 -0.15
C LEU A 26 4.91 -0.83 1.34
N ILE A 27 5.79 -1.76 1.70
CA ILE A 27 5.94 -2.18 3.09
C ILE A 27 6.11 -0.97 4.01
N SER A 28 7.11 -0.15 3.71
CA SER A 28 7.39 1.04 4.51
C SER A 28 6.16 1.95 4.58
N HIS A 29 5.39 1.97 3.49
CA HIS A 29 4.18 2.79 3.43
C HIS A 29 3.10 2.24 4.34
N GLN A 30 2.85 0.94 4.26
CA GLN A 30 1.84 0.29 5.07
C GLN A 30 1.97 0.71 6.54
N ARG A 31 3.18 1.13 6.93
CA ARG A 31 3.43 1.55 8.30
C ARG A 31 2.45 2.64 8.71
N THR A 32 2.10 3.50 7.77
CA THR A 32 1.16 4.60 8.05
C THR A 32 -0.20 4.06 8.48
N HIS A 33 -0.47 2.81 8.12
CA HIS A 33 -1.74 2.18 8.48
C HIS A 33 -1.59 1.32 9.73
N ALA A 34 -0.60 0.44 9.71
CA ALA A 34 -0.35 -0.44 10.84
C ALA A 34 -0.36 0.33 12.16
N GLY A 35 -1.20 -0.10 13.09
CA GLY A 35 -1.28 0.56 14.37
C GLY A 35 -2.40 0.00 15.24
N GLU A 36 -3.62 0.50 15.02
CA GLU A 36 -4.77 0.05 15.78
C GLU A 36 -5.56 -1.01 15.02
N SER A 37 -5.10 -2.26 15.12
CA SER A 37 -5.76 -3.37 14.43
C SER A 37 -7.06 -3.75 15.13
N GLY A 38 -7.75 -4.75 14.59
CA GLY A 38 -9.01 -5.19 15.17
C GLY A 38 -8.80 -6.15 16.32
N PRO A 39 -9.91 -6.71 16.84
CA PRO A 39 -9.87 -7.67 17.95
C PRO A 39 -9.27 -9.00 17.55
N SER A 40 -8.83 -9.09 16.30
CA SER A 40 -8.22 -10.33 15.80
C SER A 40 -6.77 -10.44 16.22
N SER A 41 -5.99 -9.39 15.96
CA SER A 41 -4.58 -9.37 16.31
C SER A 41 -4.27 -8.22 17.25
N GLY A 42 -4.76 -7.04 16.90
CA GLY A 42 -4.52 -5.86 17.72
C GLY A 42 -5.04 -6.03 19.14
ZN ZN B . -1.64 2.54 2.10
N GLY A 1 4.60 -9.63 -19.82
CA GLY A 1 4.47 -8.26 -19.39
C GLY A 1 3.15 -7.63 -19.79
N SER A 2 3.07 -6.31 -19.72
CA SER A 2 1.86 -5.58 -20.08
C SER A 2 2.19 -4.31 -20.85
N SER A 3 1.51 -4.10 -21.97
CA SER A 3 1.74 -2.92 -22.79
C SER A 3 1.99 -1.69 -21.92
N GLY A 4 3.09 -1.00 -22.20
CA GLY A 4 3.43 0.19 -21.43
C GLY A 4 4.55 -0.05 -20.45
N SER A 5 5.41 0.95 -20.29
CA SER A 5 6.56 0.83 -19.38
C SER A 5 6.37 1.74 -18.17
N SER A 6 5.15 1.76 -17.64
CA SER A 6 4.83 2.58 -16.47
C SER A 6 5.19 1.86 -15.19
N GLY A 7 6.35 1.21 -15.18
CA GLY A 7 6.79 0.48 -14.00
C GLY A 7 5.65 -0.18 -13.27
N GLU A 8 5.15 -1.27 -13.82
CA GLU A 8 4.03 -2.00 -13.21
C GLU A 8 4.16 -2.01 -11.70
N ASN A 9 3.03 -2.08 -11.01
CA ASN A 9 3.01 -2.10 -9.55
C ASN A 9 2.44 -3.41 -9.03
N PRO A 10 3.28 -4.46 -9.00
CA PRO A 10 2.87 -5.78 -8.52
C PRO A 10 2.63 -5.81 -7.02
N TYR A 11 2.83 -4.67 -6.37
CA TYR A 11 2.64 -4.56 -4.93
C TYR A 11 1.55 -3.54 -4.60
N GLU A 12 0.33 -4.04 -4.40
CA GLU A 12 -0.80 -3.17 -4.08
C GLU A 12 -1.12 -3.24 -2.59
N CYS A 13 -1.35 -2.07 -1.98
CA CYS A 13 -1.66 -1.99 -0.57
C CYS A 13 -3.12 -2.34 -0.31
N SER A 14 -3.34 -3.45 0.36
CA SER A 14 -4.70 -3.91 0.67
C SER A 14 -5.22 -3.23 1.93
N GLU A 15 -4.91 -1.95 2.08
CA GLU A 15 -5.36 -1.17 3.24
C GLU A 15 -5.94 0.17 2.81
N CYS A 16 -5.39 0.74 1.73
CA CYS A 16 -5.86 2.02 1.22
C CYS A 16 -6.19 1.92 -0.26
N GLY A 17 -5.36 1.18 -1.00
CA GLY A 17 -5.59 1.03 -2.43
C GLY A 17 -4.49 1.66 -3.25
N LYS A 18 -3.30 1.79 -2.67
CA LYS A 18 -2.17 2.39 -3.36
C LYS A 18 -1.24 1.32 -3.92
N ALA A 19 -0.83 1.48 -5.17
CA ALA A 19 0.06 0.53 -5.81
C ALA A 19 1.49 1.07 -5.89
N PHE A 20 2.46 0.23 -5.53
CA PHE A 20 3.85 0.63 -5.55
C PHE A 20 4.64 -0.20 -6.56
N ASN A 21 5.81 0.30 -6.95
CA ASN A 21 6.65 -0.39 -7.92
C ASN A 21 7.43 -1.52 -7.25
N ARG A 22 8.00 -1.23 -6.08
CA ARG A 22 8.77 -2.22 -5.34
C ARG A 22 8.05 -2.63 -4.06
N LYS A 23 8.41 -3.80 -3.53
CA LYS A 23 7.80 -4.30 -2.31
C LYS A 23 8.18 -3.45 -1.11
N ASP A 24 9.47 -3.14 -1.00
CA ASP A 24 9.97 -2.32 0.10
C ASP A 24 9.19 -1.01 0.21
N GLN A 25 8.94 -0.39 -0.94
CA GLN A 25 8.20 0.86 -0.98
C GLN A 25 6.85 0.73 -0.29
N LEU A 26 6.16 -0.38 -0.55
CA LEU A 26 4.85 -0.63 0.03
C LEU A 26 4.97 -0.92 1.53
N ILE A 27 5.93 -1.79 1.88
CA ILE A 27 6.15 -2.15 3.28
C ILE A 27 6.27 -0.91 4.15
N SER A 28 7.19 -0.02 3.78
CA SER A 28 7.40 1.21 4.54
C SER A 28 6.12 2.04 4.61
N HIS A 29 5.37 2.04 3.52
CA HIS A 29 4.11 2.79 3.44
C HIS A 29 3.09 2.22 4.43
N GLN A 30 2.91 0.91 4.40
CA GLN A 30 1.96 0.25 5.28
C GLN A 30 2.14 0.72 6.73
N ARG A 31 3.35 1.15 7.06
CA ARG A 31 3.66 1.62 8.40
C ARG A 31 2.68 2.73 8.82
N THR A 32 2.27 3.55 7.85
CA THR A 32 1.34 4.64 8.12
C THR A 32 -0.04 4.11 8.49
N HIS A 33 -0.30 2.87 8.12
CA HIS A 33 -1.59 2.24 8.41
C HIS A 33 -1.58 1.58 9.78
N ALA A 34 -0.54 0.80 10.05
CA ALA A 34 -0.41 0.11 11.33
C ALA A 34 0.08 1.07 12.41
N GLY A 35 -0.83 1.43 13.33
CA GLY A 35 -0.48 2.33 14.41
C GLY A 35 -0.27 1.61 15.73
N GLU A 36 0.94 1.11 15.95
CA GLU A 36 1.26 0.38 17.17
C GLU A 36 2.71 0.61 17.57
N SER A 37 3.08 0.13 18.76
CA SER A 37 4.43 0.28 19.26
C SER A 37 4.98 -1.05 19.78
N GLY A 38 4.15 -1.76 20.55
CA GLY A 38 4.55 -3.03 21.10
C GLY A 38 4.66 -3.00 22.61
N PRO A 39 3.51 -2.83 23.29
CA PRO A 39 3.46 -2.78 24.75
C PRO A 39 3.75 -4.14 25.39
N SER A 40 3.99 -5.13 24.55
CA SER A 40 4.28 -6.49 25.04
C SER A 40 5.26 -6.44 26.21
N SER A 41 5.14 -7.42 27.10
CA SER A 41 6.01 -7.50 28.27
C SER A 41 7.44 -7.84 27.87
N GLY A 42 7.60 -8.96 27.19
CA GLY A 42 8.92 -9.38 26.75
C GLY A 42 8.88 -10.49 25.71
ZN ZN B . -1.98 1.98 2.05
N GLY A 1 -15.53 -2.76 -15.71
CA GLY A 1 -14.63 -3.17 -16.78
C GLY A 1 -13.43 -2.25 -16.92
N SER A 2 -12.43 -2.70 -17.67
CA SER A 2 -11.22 -1.91 -17.88
C SER A 2 -10.45 -2.42 -19.09
N SER A 3 -10.21 -1.53 -20.06
CA SER A 3 -9.49 -1.89 -21.26
C SER A 3 -8.49 -0.80 -21.64
N GLY A 4 -7.29 -1.22 -22.04
CA GLY A 4 -6.26 -0.28 -22.41
C GLY A 4 -4.89 -0.64 -21.86
N SER A 5 -4.59 -0.14 -20.67
CA SER A 5 -3.30 -0.43 -20.02
C SER A 5 -3.46 -1.45 -18.91
N SER A 6 -2.36 -2.07 -18.52
CA SER A 6 -2.37 -3.08 -17.46
C SER A 6 -1.65 -2.56 -16.22
N GLY A 7 -0.47 -1.98 -16.43
CA GLY A 7 0.30 -1.46 -15.31
C GLY A 7 0.94 -2.55 -14.49
N GLU A 8 2.25 -2.45 -14.28
CA GLU A 8 2.98 -3.45 -13.50
C GLU A 8 2.99 -3.08 -12.02
N ASN A 9 1.96 -3.51 -11.30
CA ASN A 9 1.86 -3.24 -9.87
C ASN A 9 1.86 -4.52 -9.06
N PRO A 10 3.04 -5.13 -8.93
CA PRO A 10 3.21 -6.38 -8.17
C PRO A 10 3.04 -6.18 -6.67
N TYR A 11 2.93 -4.92 -6.26
CA TYR A 11 2.76 -4.59 -4.85
C TYR A 11 1.72 -3.50 -4.66
N GLU A 12 0.62 -3.86 -4.02
CA GLU A 12 -0.47 -2.90 -3.78
C GLU A 12 -0.94 -2.97 -2.32
N CYS A 13 -1.17 -1.80 -1.73
CA CYS A 13 -1.62 -1.73 -0.35
C CYS A 13 -3.10 -2.08 -0.23
N SER A 14 -3.39 -3.17 0.46
CA SER A 14 -4.78 -3.61 0.65
C SER A 14 -5.43 -2.90 1.82
N GLU A 15 -4.99 -1.66 2.07
CA GLU A 15 -5.53 -0.87 3.17
C GLU A 15 -6.15 0.42 2.64
N CYS A 16 -5.47 1.06 1.70
CA CYS A 16 -5.96 2.30 1.11
C CYS A 16 -6.28 2.12 -0.37
N GLY A 17 -5.41 1.39 -1.07
CA GLY A 17 -5.64 1.16 -2.49
C GLY A 17 -4.55 1.79 -3.35
N LYS A 18 -3.37 1.94 -2.79
CA LYS A 18 -2.25 2.52 -3.51
C LYS A 18 -1.29 1.45 -4.01
N ALA A 19 -0.99 1.47 -5.30
CA ALA A 19 -0.08 0.50 -5.90
C ALA A 19 1.32 1.08 -6.05
N PHE A 20 2.33 0.30 -5.67
CA PHE A 20 3.71 0.74 -5.76
C PHE A 20 4.49 -0.13 -6.73
N ASN A 21 5.70 0.30 -7.07
CA ASN A 21 6.55 -0.45 -8.00
C ASN A 21 7.46 -1.41 -7.24
N ARG A 22 8.03 -0.93 -6.14
CA ARG A 22 8.92 -1.75 -5.33
C ARG A 22 8.21 -2.25 -4.07
N LYS A 23 8.55 -3.46 -3.65
CA LYS A 23 7.95 -4.06 -2.46
C LYS A 23 8.28 -3.24 -1.22
N ASP A 24 9.55 -2.87 -1.08
CA ASP A 24 9.99 -2.08 0.06
C ASP A 24 9.16 -0.82 0.22
N GLN A 25 8.94 -0.12 -0.88
CA GLN A 25 8.16 1.11 -0.87
C GLN A 25 6.79 0.87 -0.27
N LEU A 26 6.16 -0.25 -0.63
CA LEU A 26 4.85 -0.59 -0.13
C LEU A 26 4.90 -0.95 1.35
N ILE A 27 5.84 -1.84 1.71
CA ILE A 27 6.01 -2.26 3.09
C ILE A 27 6.20 -1.06 4.01
N SER A 28 7.16 -0.20 3.67
CA SER A 28 7.44 0.99 4.47
C SER A 28 6.19 1.87 4.59
N HIS A 29 5.44 1.96 3.51
CA HIS A 29 4.22 2.77 3.49
C HIS A 29 3.19 2.23 4.47
N GLN A 30 2.97 0.91 4.42
CA GLN A 30 2.00 0.27 5.30
C GLN A 30 2.14 0.79 6.73
N ARG A 31 3.38 0.93 7.19
CA ARG A 31 3.64 1.41 8.54
C ARG A 31 2.62 2.48 8.94
N THR A 32 2.25 3.33 7.99
CA THR A 32 1.28 4.39 8.25
C THR A 32 -0.01 3.83 8.84
N HIS A 33 -0.59 2.85 8.14
CA HIS A 33 -1.83 2.23 8.60
C HIS A 33 -1.62 1.50 9.92
N ALA A 34 -0.64 0.60 9.94
CA ALA A 34 -0.33 -0.17 11.15
C ALA A 34 0.23 0.74 12.25
N GLY A 35 -0.56 0.98 13.28
CA GLY A 35 -0.13 1.82 14.38
C GLY A 35 -0.82 1.47 15.69
N GLU A 36 -2.12 1.19 15.61
CA GLU A 36 -2.89 0.86 16.80
C GLU A 36 -2.07 -0.01 17.76
N SER A 37 -1.98 0.42 19.01
CA SER A 37 -1.23 -0.32 20.02
C SER A 37 -2.08 -0.55 21.27
N GLY A 38 -2.77 0.50 21.70
CA GLY A 38 -3.62 0.38 22.88
C GLY A 38 -4.35 1.67 23.18
N PRO A 39 -5.06 1.69 24.33
CA PRO A 39 -5.82 2.86 24.76
C PRO A 39 -4.93 4.03 25.16
N SER A 40 -3.90 3.73 25.94
CA SER A 40 -2.97 4.75 26.41
C SER A 40 -2.54 5.65 25.26
N SER A 41 -2.58 6.96 25.50
CA SER A 41 -2.19 7.94 24.48
C SER A 41 -1.25 8.99 25.06
N GLY A 42 0.04 8.67 25.07
CA GLY A 42 1.02 9.60 25.59
C GLY A 42 0.80 9.92 27.06
ZN ZN B . -1.81 2.14 2.22
N GLY A 1 -9.21 4.50 -15.53
CA GLY A 1 -8.60 5.52 -14.70
C GLY A 1 -8.00 6.65 -15.51
N SER A 2 -8.45 7.87 -15.24
CA SER A 2 -7.96 9.04 -15.95
C SER A 2 -6.59 9.45 -15.43
N SER A 3 -6.47 9.53 -14.11
CA SER A 3 -5.21 9.92 -13.48
C SER A 3 -4.50 8.71 -12.89
N GLY A 4 -4.49 7.62 -13.64
CA GLY A 4 -3.84 6.40 -13.19
C GLY A 4 -4.31 5.17 -13.93
N SER A 5 -3.51 4.11 -13.88
CA SER A 5 -3.85 2.86 -14.56
C SER A 5 -3.17 1.67 -13.89
N SER A 6 -3.92 0.60 -13.69
CA SER A 6 -3.39 -0.60 -13.07
C SER A 6 -2.61 -1.45 -14.08
N GLY A 7 -1.31 -1.17 -14.17
CA GLY A 7 -0.46 -1.91 -15.09
C GLY A 7 0.43 -2.90 -14.40
N GLU A 8 1.71 -2.54 -14.23
CA GLU A 8 2.67 -3.40 -13.57
C GLU A 8 2.84 -3.01 -12.11
N ASN A 9 1.96 -3.52 -11.26
CA ASN A 9 2.02 -3.22 -9.83
C ASN A 9 1.90 -4.50 -9.01
N PRO A 10 3.04 -5.21 -8.87
CA PRO A 10 3.09 -6.46 -8.10
C PRO A 10 2.94 -6.23 -6.60
N TYR A 11 2.82 -4.96 -6.21
CA TYR A 11 2.67 -4.61 -4.80
C TYR A 11 1.64 -3.51 -4.63
N GLU A 12 0.53 -3.84 -3.97
CA GLU A 12 -0.53 -2.87 -3.74
C GLU A 12 -1.00 -2.92 -2.27
N CYS A 13 -1.34 -1.75 -1.74
CA CYS A 13 -1.80 -1.65 -0.35
C CYS A 13 -3.28 -2.01 -0.25
N SER A 14 -3.59 -3.01 0.56
CA SER A 14 -4.96 -3.45 0.75
C SER A 14 -5.63 -2.69 1.89
N GLU A 15 -5.09 -1.52 2.20
CA GLU A 15 -5.62 -0.69 3.28
C GLU A 15 -6.21 0.62 2.72
N CYS A 16 -5.54 1.18 1.72
CA CYS A 16 -5.99 2.42 1.10
C CYS A 16 -6.21 2.23 -0.39
N GLY A 17 -5.31 1.49 -1.03
CA GLY A 17 -5.42 1.24 -2.46
C GLY A 17 -4.27 1.85 -3.24
N LYS A 18 -3.11 1.98 -2.58
CA LYS A 18 -1.93 2.55 -3.23
C LYS A 18 -1.08 1.47 -3.87
N ALA A 19 -0.86 1.59 -5.17
CA ALA A 19 -0.06 0.61 -5.90
C ALA A 19 1.37 1.11 -6.09
N PHE A 20 2.33 0.27 -5.72
CA PHE A 20 3.74 0.63 -5.86
C PHE A 20 4.48 -0.38 -6.72
N ASN A 21 5.65 0.01 -7.22
CA ASN A 21 6.46 -0.86 -8.08
C ASN A 21 7.44 -1.68 -7.24
N ARG A 22 8.01 -1.05 -6.22
CA ARG A 22 8.97 -1.73 -5.35
C ARG A 22 8.31 -2.12 -4.03
N LYS A 23 8.42 -3.41 -3.69
CA LYS A 23 7.84 -3.91 -2.45
C LYS A 23 8.23 -3.04 -1.26
N ASP A 24 9.53 -2.83 -1.10
CA ASP A 24 10.04 -2.01 -0.01
C ASP A 24 9.24 -0.71 0.12
N GLN A 25 9.00 -0.05 -1.01
CA GLN A 25 8.25 1.19 -1.01
C GLN A 25 6.88 1.01 -0.37
N LEU A 26 6.22 -0.10 -0.68
CA LEU A 26 4.91 -0.41 -0.13
C LEU A 26 5.01 -0.76 1.35
N ILE A 27 5.94 -1.63 1.69
CA ILE A 27 6.14 -2.05 3.07
C ILE A 27 6.24 -0.84 3.99
N SER A 28 7.20 0.04 3.72
CA SER A 28 7.39 1.23 4.53
C SER A 28 6.11 2.05 4.62
N HIS A 29 5.37 2.10 3.52
CA HIS A 29 4.12 2.85 3.48
C HIS A 29 3.09 2.23 4.41
N GLN A 30 2.92 0.91 4.30
CA GLN A 30 1.96 0.20 5.14
C GLN A 30 2.07 0.62 6.60
N ARG A 31 3.30 0.81 7.06
CA ARG A 31 3.56 1.22 8.43
C ARG A 31 2.47 2.18 8.92
N THR A 32 2.05 3.07 8.05
CA THR A 32 1.01 4.04 8.38
C THR A 32 -0.25 3.35 8.88
N HIS A 33 -0.78 2.44 8.06
CA HIS A 33 -1.99 1.70 8.41
C HIS A 33 -1.72 0.73 9.54
N ALA A 34 -0.79 -0.19 9.32
CA ALA A 34 -0.44 -1.18 10.33
C ALA A 34 0.06 -0.51 11.61
N GLY A 35 -0.51 -0.91 12.75
CA GLY A 35 -0.12 -0.34 14.01
C GLY A 35 -1.27 0.33 14.74
N GLU A 36 -0.97 1.01 15.84
CA GLU A 36 -1.99 1.70 16.62
C GLU A 36 -2.88 2.53 15.72
N SER A 37 -4.08 2.01 15.45
CA SER A 37 -5.04 2.71 14.59
C SER A 37 -6.31 3.05 15.37
N GLY A 38 -6.37 4.27 15.89
CA GLY A 38 -7.53 4.70 16.65
C GLY A 38 -7.39 6.12 17.17
N PRO A 39 -8.53 6.73 17.54
CA PRO A 39 -8.55 8.09 18.06
C PRO A 39 -7.92 8.21 19.45
N SER A 40 -7.33 9.36 19.73
CA SER A 40 -6.68 9.59 21.01
C SER A 40 -7.63 9.28 22.17
N SER A 41 -8.77 9.97 22.19
CA SER A 41 -9.77 9.77 23.23
C SER A 41 -9.10 9.46 24.56
N GLY A 42 -8.02 10.19 24.86
CA GLY A 42 -7.31 9.98 26.11
C GLY A 42 -7.29 11.22 26.98
ZN ZN B . -1.93 2.28 2.17
N GLY A 1 -8.65 9.85 -25.12
CA GLY A 1 -7.59 8.97 -25.61
C GLY A 1 -6.49 8.78 -24.59
N SER A 2 -6.34 7.54 -24.13
CA SER A 2 -5.31 7.21 -23.13
C SER A 2 -4.51 6.00 -23.57
N SER A 3 -3.19 6.10 -23.46
CA SER A 3 -2.30 5.01 -23.84
C SER A 3 -1.79 4.27 -22.61
N GLY A 4 -1.64 2.95 -22.74
CA GLY A 4 -1.16 2.15 -21.63
C GLY A 4 -2.04 2.28 -20.40
N SER A 5 -2.85 1.25 -20.14
CA SER A 5 -3.75 1.25 -18.99
C SER A 5 -3.00 1.64 -17.73
N SER A 6 -1.98 0.85 -17.38
CA SER A 6 -1.19 1.10 -16.19
C SER A 6 0.00 0.15 -16.11
N GLY A 7 1.07 0.60 -15.47
CA GLY A 7 2.26 -0.23 -15.33
C GLY A 7 2.06 -1.37 -14.37
N GLU A 8 2.89 -2.41 -14.50
CA GLU A 8 2.81 -3.57 -13.63
C GLU A 8 2.90 -3.16 -12.17
N ASN A 9 1.94 -3.64 -11.36
CA ASN A 9 1.90 -3.31 -9.94
C ASN A 9 1.93 -4.59 -9.10
N PRO A 10 3.12 -5.19 -8.96
CA PRO A 10 3.31 -6.41 -8.17
C PRO A 10 3.13 -6.18 -6.67
N TYR A 11 2.87 -4.93 -6.30
CA TYR A 11 2.68 -4.58 -4.91
C TYR A 11 1.60 -3.51 -4.75
N GLU A 12 0.55 -3.85 -4.01
CA GLU A 12 -0.56 -2.92 -3.79
C GLU A 12 -1.05 -3.00 -2.35
N CYS A 13 -1.50 -1.87 -1.82
CA CYS A 13 -2.00 -1.81 -0.45
C CYS A 13 -3.45 -2.27 -0.38
N SER A 14 -3.92 -2.57 0.83
CA SER A 14 -5.29 -3.02 1.03
C SER A 14 -6.09 -1.99 1.81
N GLU A 15 -5.41 -1.22 2.65
CA GLU A 15 -6.06 -0.20 3.46
C GLU A 15 -6.55 0.95 2.59
N CYS A 16 -5.62 1.55 1.84
CA CYS A 16 -5.95 2.66 0.96
C CYS A 16 -6.25 2.17 -0.45
N GLY A 17 -5.39 1.31 -0.97
CA GLY A 17 -5.57 0.77 -2.30
C GLY A 17 -4.59 1.36 -3.31
N LYS A 18 -3.41 1.74 -2.81
CA LYS A 18 -2.39 2.33 -3.67
C LYS A 18 -1.48 1.24 -4.24
N ALA A 19 -0.81 1.55 -5.35
CA ALA A 19 0.09 0.61 -6.00
C ALA A 19 1.51 1.16 -6.05
N PHE A 20 2.48 0.33 -5.66
CA PHE A 20 3.88 0.74 -5.67
C PHE A 20 4.69 -0.11 -6.64
N ASN A 21 5.77 0.45 -7.15
CA ASN A 21 6.63 -0.26 -8.10
C ASN A 21 7.59 -1.19 -7.36
N ARG A 22 8.02 -0.78 -6.17
CA ARG A 22 8.93 -1.58 -5.37
C ARG A 22 8.24 -2.11 -4.13
N LYS A 23 8.68 -3.28 -3.67
CA LYS A 23 8.10 -3.91 -2.48
C LYS A 23 8.30 -3.03 -1.25
N ASP A 24 9.57 -2.78 -0.92
CA ASP A 24 9.91 -1.96 0.24
C ASP A 24 9.01 -0.72 0.30
N GLN A 25 8.76 -0.12 -0.86
CA GLN A 25 7.93 1.07 -0.93
C GLN A 25 6.56 0.83 -0.29
N LEU A 26 5.96 -0.31 -0.60
CA LEU A 26 4.66 -0.67 -0.05
C LEU A 26 4.77 -1.01 1.43
N ILE A 27 5.74 -1.86 1.77
CA ILE A 27 5.96 -2.26 3.15
C ILE A 27 6.14 -1.05 4.05
N SER A 28 7.10 -0.19 3.71
CA SER A 28 7.37 1.00 4.49
C SER A 28 6.15 1.91 4.56
N HIS A 29 5.34 1.89 3.49
CA HIS A 29 4.14 2.71 3.42
C HIS A 29 3.08 2.19 4.39
N GLN A 30 2.91 0.86 4.44
CA GLN A 30 1.93 0.24 5.32
C GLN A 30 2.21 0.60 6.77
N ARG A 31 3.45 0.98 7.06
CA ARG A 31 3.85 1.34 8.42
C ARG A 31 2.94 2.44 8.97
N THR A 32 2.52 3.35 8.10
CA THR A 32 1.66 4.45 8.50
C THR A 32 0.22 3.97 8.72
N HIS A 33 -0.11 2.83 8.14
CA HIS A 33 -1.45 2.25 8.27
C HIS A 33 -1.61 1.56 9.62
N ALA A 34 -0.62 0.74 9.98
CA ALA A 34 -0.66 0.02 11.25
C ALA A 34 -0.46 0.97 12.42
N GLY A 35 -1.56 1.33 13.08
CA GLY A 35 -1.49 2.23 14.22
C GLY A 35 -2.80 2.32 14.97
N GLU A 36 -2.96 3.37 15.77
CA GLU A 36 -4.18 3.56 16.55
C GLU A 36 -5.31 4.10 15.68
N SER A 37 -5.07 5.24 15.05
CA SER A 37 -6.06 5.86 14.19
C SER A 37 -6.68 4.84 13.23
N GLY A 38 -5.81 4.07 12.57
CA GLY A 38 -6.28 3.06 11.64
C GLY A 38 -5.75 1.68 11.95
N PRO A 39 -6.46 0.96 12.83
CA PRO A 39 -6.06 -0.40 13.25
C PRO A 39 -6.23 -1.41 12.12
N SER A 40 -5.13 -2.03 11.72
CA SER A 40 -5.15 -3.01 10.65
C SER A 40 -5.24 -4.43 11.22
N SER A 41 -4.46 -4.71 12.25
CA SER A 41 -4.45 -6.01 12.89
C SER A 41 -5.86 -6.45 13.25
N GLY A 42 -6.52 -5.65 14.08
CA GLY A 42 -7.87 -5.97 14.49
C GLY A 42 -8.80 -6.21 13.32
ZN ZN B . -1.98 2.09 1.99
N GLY A 1 -10.11 8.06 -19.14
CA GLY A 1 -10.76 7.21 -18.17
C GLY A 1 -9.80 6.66 -17.13
N SER A 2 -9.91 7.16 -15.91
CA SER A 2 -9.04 6.72 -14.82
C SER A 2 -8.88 5.21 -14.84
N SER A 3 -10.00 4.49 -14.89
CA SER A 3 -9.98 3.04 -14.90
C SER A 3 -9.55 2.51 -16.27
N GLY A 4 -8.97 1.32 -16.29
CA GLY A 4 -8.53 0.73 -17.53
C GLY A 4 -7.02 0.59 -17.62
N SER A 5 -6.31 1.67 -17.31
CA SER A 5 -4.85 1.66 -17.36
C SER A 5 -4.30 0.37 -16.79
N SER A 6 -3.23 -0.14 -17.39
CA SER A 6 -2.61 -1.38 -16.95
C SER A 6 -1.09 -1.26 -16.98
N GLY A 7 -0.47 -1.43 -15.81
CA GLY A 7 0.97 -1.33 -15.72
C GLY A 7 1.58 -2.52 -15.00
N GLU A 8 2.61 -2.25 -14.18
CA GLU A 8 3.27 -3.31 -13.43
C GLU A 8 3.29 -2.99 -11.94
N ASN A 9 2.20 -3.31 -11.26
CA ASN A 9 2.09 -3.06 -9.83
C ASN A 9 2.03 -4.36 -9.05
N PRO A 10 3.20 -5.00 -8.88
CA PRO A 10 3.30 -6.28 -8.14
C PRO A 10 3.05 -6.10 -6.65
N TYR A 11 2.79 -4.87 -6.23
CA TYR A 11 2.53 -4.58 -4.82
C TYR A 11 1.46 -3.50 -4.68
N GLU A 12 0.33 -3.88 -4.09
CA GLU A 12 -0.77 -2.93 -3.90
C GLU A 12 -1.32 -3.04 -2.48
N CYS A 13 -1.48 -1.90 -1.82
CA CYS A 13 -1.99 -1.85 -0.47
C CYS A 13 -3.46 -2.27 -0.43
N SER A 14 -3.95 -2.60 0.76
CA SER A 14 -5.33 -3.02 0.93
C SER A 14 -6.12 -1.98 1.73
N GLU A 15 -5.44 -1.32 2.66
CA GLU A 15 -6.08 -0.30 3.48
C GLU A 15 -6.57 0.87 2.63
N CYS A 16 -5.66 1.46 1.87
CA CYS A 16 -5.99 2.58 1.00
C CYS A 16 -6.23 2.12 -0.43
N GLY A 17 -5.35 1.24 -0.91
CA GLY A 17 -5.49 0.73 -2.26
C GLY A 17 -4.46 1.32 -3.21
N LYS A 18 -3.30 1.71 -2.67
CA LYS A 18 -2.24 2.29 -3.47
C LYS A 18 -1.40 1.20 -4.13
N ALA A 19 -0.67 1.58 -5.17
CA ALA A 19 0.19 0.64 -5.89
C ALA A 19 1.60 1.19 -6.03
N PHE A 20 2.58 0.40 -5.61
CA PHE A 20 3.98 0.80 -5.69
C PHE A 20 4.74 -0.06 -6.71
N ASN A 21 5.95 0.37 -7.04
CA ASN A 21 6.78 -0.35 -8.00
C ASN A 21 7.51 -1.51 -7.33
N ARG A 22 8.08 -1.24 -6.15
CA ARG A 22 8.80 -2.25 -5.40
C ARG A 22 8.06 -2.64 -4.13
N LYS A 23 8.42 -3.77 -3.54
CA LYS A 23 7.79 -4.24 -2.32
C LYS A 23 8.13 -3.33 -1.14
N ASP A 24 9.41 -2.99 -1.01
CA ASP A 24 9.88 -2.13 0.07
C ASP A 24 9.04 -0.85 0.12
N GLN A 25 8.81 -0.25 -1.04
CA GLN A 25 8.04 0.98 -1.11
C GLN A 25 6.70 0.83 -0.40
N LEU A 26 6.03 -0.30 -0.64
CA LEU A 26 4.74 -0.58 -0.03
C LEU A 26 4.91 -0.89 1.46
N ILE A 27 5.86 -1.77 1.77
CA ILE A 27 6.12 -2.16 3.15
C ILE A 27 6.24 -0.93 4.05
N SER A 28 7.13 -0.02 3.68
CA SER A 28 7.36 1.19 4.45
C SER A 28 6.09 2.02 4.53
N HIS A 29 5.33 2.05 3.44
CA HIS A 29 4.09 2.82 3.38
C HIS A 29 3.07 2.26 4.38
N GLN A 30 2.91 0.94 4.37
CA GLN A 30 1.97 0.29 5.27
C GLN A 30 2.16 0.75 6.70
N ARG A 31 3.42 0.89 7.11
CA ARG A 31 3.74 1.34 8.46
C ARG A 31 2.74 2.39 8.95
N THR A 32 2.33 3.27 8.04
CA THR A 32 1.39 4.33 8.37
C THR A 32 0.07 3.74 8.85
N HIS A 33 -0.50 2.82 8.06
CA HIS A 33 -1.76 2.19 8.41
C HIS A 33 -1.67 1.50 9.77
N ALA A 34 -0.58 0.75 9.97
CA ALA A 34 -0.38 0.04 11.22
C ALA A 34 0.43 0.88 12.20
N GLY A 35 -0.24 1.80 12.88
CA GLY A 35 0.43 2.66 13.84
C GLY A 35 -0.09 4.08 13.81
N GLU A 36 -1.17 4.33 14.54
CA GLU A 36 -1.77 5.66 14.60
C GLU A 36 -2.73 5.77 15.78
N SER A 37 -3.26 6.98 15.98
CA SER A 37 -4.18 7.23 17.09
C SER A 37 -5.62 7.08 16.63
N GLY A 38 -6.13 5.85 16.66
CA GLY A 38 -7.50 5.59 16.25
C GLY A 38 -7.70 4.17 15.77
N PRO A 39 -7.83 3.23 16.72
CA PRO A 39 -8.03 1.81 16.42
C PRO A 39 -9.40 1.54 15.81
N SER A 40 -9.42 1.09 14.56
CA SER A 40 -10.67 0.78 13.87
C SER A 40 -11.50 -0.21 14.67
N SER A 41 -12.75 0.17 14.96
CA SER A 41 -13.65 -0.69 15.72
C SER A 41 -14.09 -1.89 14.88
N GLY A 42 -13.99 -3.08 15.47
CA GLY A 42 -14.38 -4.28 14.75
C GLY A 42 -13.59 -4.51 13.48
ZN ZN B . -2.09 2.02 2.06
N GLY A 1 -12.01 15.01 -17.16
CA GLY A 1 -11.67 13.84 -16.37
C GLY A 1 -10.18 13.76 -16.08
N SER A 2 -9.83 13.27 -14.89
CA SER A 2 -8.44 13.15 -14.50
C SER A 2 -8.20 11.86 -13.71
N SER A 3 -7.13 11.17 -14.03
CA SER A 3 -6.80 9.92 -13.34
C SER A 3 -5.42 9.41 -13.78
N GLY A 4 -4.73 8.76 -12.85
CA GLY A 4 -3.40 8.22 -13.16
C GLY A 4 -3.33 6.73 -12.95
N SER A 5 -3.62 5.97 -14.00
CA SER A 5 -3.58 4.51 -13.92
C SER A 5 -2.28 3.97 -14.51
N SER A 6 -1.71 2.97 -13.84
CA SER A 6 -0.45 2.38 -14.29
C SER A 6 -0.36 0.92 -13.83
N GLY A 7 -0.09 0.03 -14.78
CA GLY A 7 0.02 -1.38 -14.47
C GLY A 7 1.33 -1.71 -13.78
N GLU A 8 1.99 -2.78 -14.23
CA GLU A 8 3.26 -3.21 -13.65
C GLU A 8 3.28 -2.94 -12.14
N ASN A 9 2.18 -3.27 -11.48
CA ASN A 9 2.06 -3.06 -10.04
C ASN A 9 2.05 -4.40 -9.31
N PRO A 10 3.24 -4.99 -9.13
CA PRO A 10 3.39 -6.28 -8.45
C PRO A 10 3.12 -6.17 -6.95
N TYR A 11 2.87 -4.96 -6.48
CA TYR A 11 2.60 -4.72 -5.07
C TYR A 11 1.52 -3.65 -4.90
N GLU A 12 0.38 -4.06 -4.35
CA GLU A 12 -0.73 -3.14 -4.13
C GLU A 12 -1.16 -3.14 -2.67
N CYS A 13 -1.22 -1.95 -2.08
CA CYS A 13 -1.62 -1.81 -0.68
C CYS A 13 -3.10 -2.13 -0.49
N SER A 14 -3.38 -3.24 0.19
CA SER A 14 -4.76 -3.67 0.42
C SER A 14 -5.33 -2.95 1.64
N GLU A 15 -4.73 -1.82 2.00
CA GLU A 15 -5.19 -1.05 3.16
C GLU A 15 -5.91 0.22 2.70
N CYS A 16 -5.33 0.90 1.73
CA CYS A 16 -5.91 2.14 1.21
C CYS A 16 -6.22 2.01 -0.28
N GLY A 17 -5.31 1.35 -1.01
CA GLY A 17 -5.50 1.17 -2.44
C GLY A 17 -4.41 1.83 -3.26
N LYS A 18 -3.23 1.96 -2.65
CA LYS A 18 -2.09 2.57 -3.34
C LYS A 18 -1.14 1.50 -3.88
N ALA A 19 -0.94 1.51 -5.19
CA ALA A 19 -0.05 0.56 -5.83
C ALA A 19 1.39 1.08 -5.90
N PHE A 20 2.34 0.23 -5.55
CA PHE A 20 3.75 0.60 -5.56
C PHE A 20 4.53 -0.26 -6.54
N ASN A 21 5.59 0.31 -7.11
CA ASN A 21 6.43 -0.41 -8.07
C ASN A 21 7.26 -1.49 -7.37
N ARG A 22 7.83 -1.13 -6.22
CA ARG A 22 8.65 -2.06 -5.45
C ARG A 22 7.92 -2.50 -4.18
N LYS A 23 8.36 -3.62 -3.61
CA LYS A 23 7.76 -4.15 -2.40
C LYS A 23 8.12 -3.29 -1.19
N ASP A 24 9.41 -3.03 -1.03
CA ASP A 24 9.88 -2.21 0.08
C ASP A 24 9.08 -0.93 0.21
N GLN A 25 8.91 -0.23 -0.92
CA GLN A 25 8.16 1.01 -0.94
C GLN A 25 6.80 0.84 -0.26
N LEU A 26 6.12 -0.25 -0.56
CA LEU A 26 4.82 -0.54 0.03
C LEU A 26 4.94 -0.88 1.51
N ILE A 27 5.90 -1.74 1.83
CA ILE A 27 6.13 -2.15 3.21
C ILE A 27 6.29 -0.94 4.12
N SER A 28 7.21 -0.06 3.77
CA SER A 28 7.47 1.14 4.56
C SER A 28 6.22 2.01 4.65
N HIS A 29 5.46 2.05 3.56
CA HIS A 29 4.24 2.85 3.51
C HIS A 29 3.20 2.30 4.48
N GLN A 30 2.97 0.99 4.43
CA GLN A 30 2.00 0.34 5.31
C GLN A 30 2.11 0.88 6.73
N ARG A 31 3.35 1.00 7.22
CA ARG A 31 3.59 1.49 8.57
C ARG A 31 2.57 2.56 8.94
N THR A 32 2.22 3.40 7.97
CA THR A 32 1.25 4.47 8.20
C THR A 32 -0.05 3.93 8.78
N HIS A 33 -0.59 2.92 8.12
CA HIS A 33 -1.85 2.30 8.55
C HIS A 33 -1.66 1.59 9.90
N ALA A 34 -0.77 0.61 9.92
CA ALA A 34 -0.49 -0.14 11.15
C ALA A 34 -0.45 0.78 12.36
N GLY A 35 -0.97 0.29 13.48
CA GLY A 35 -0.98 1.08 14.69
C GLY A 35 -2.34 1.11 15.36
N GLU A 36 -2.40 0.63 16.60
CA GLU A 36 -3.66 0.60 17.35
C GLU A 36 -3.76 1.79 18.28
N SER A 37 -4.38 2.87 17.80
CA SER A 37 -4.55 4.07 18.60
C SER A 37 -5.44 3.81 19.80
N GLY A 38 -4.98 4.22 20.98
CA GLY A 38 -5.76 4.03 22.20
C GLY A 38 -4.90 4.09 23.44
N PRO A 39 -5.54 4.00 24.61
CA PRO A 39 -4.85 4.05 25.91
C PRO A 39 -4.00 2.80 26.16
N SER A 40 -3.96 1.91 25.17
CA SER A 40 -3.19 0.68 25.29
C SER A 40 -1.75 0.98 25.68
N SER A 41 -1.05 -0.02 26.20
CA SER A 41 0.33 0.13 26.61
C SER A 41 1.07 1.09 25.68
N GLY A 42 1.22 0.69 24.42
CA GLY A 42 1.90 1.52 23.45
C GLY A 42 1.51 1.19 22.03
ZN ZN B . -1.81 2.09 2.13
#